data_3RV0
#
_entry.id   3RV0
#
_cell.length_a   101.037
_cell.length_b   112.974
_cell.length_c   135.689
_cell.angle_alpha   90.000
_cell.angle_beta   90.000
_cell.angle_gamma   90.000
#
_symmetry.space_group_name_H-M   'P 21 21 21'
#
loop_
_entity.id
_entity.type
_entity.pdbx_description
1 polymer 'K. polysporus Dcr1'
2 non-polymer 'MAGNESIUM ION'
3 water water
#
_entity_poly.entity_id   1
_entity_poly.type   'polypeptide(L)'
_entity_poly.pdbx_seq_one_letter_code
;SNELKVREFYRLHNACVKLKESIKLIYENPLVTDQNVLNLGTAENTIDYTILNTPTLNVAKTLLGNRYSLDLIDLFQSHD
FKDSNTDVDMFIKYPVVYDENLENLAFMHKSFPNMNAHLNDAQKTQLSNERLEFLGDSWLGALVSYIVYTRFPSANEGML
SQMKESIVNNNNLFDWSTKLNFTKRLQGNIATPTRVVKDKMSKRYADCVEAYIGALVIDRFGTEFLDIKEWLEELSEKKL
AKSSQMVIKEPLNKNAKNELAELLQINKLGHKLHYRKLTEMPPFRVEVKIGDILLDEAEGNSIREAEHRAAMKVLENDEL
LRKYSVYDLEDGNSKKYSIEE
;
_entity_poly.pdbx_strand_id   A,B,C,D
#
# COMPACT_ATOMS: atom_id res chain seq x y z
N SER A 1 12.82 22.98 38.63
CA SER A 1 11.90 22.02 39.24
C SER A 1 10.45 22.43 39.01
N ASN A 2 10.10 23.65 39.44
CA ASN A 2 8.85 24.25 38.99
C ASN A 2 8.99 24.64 37.52
N GLU A 3 10.17 25.17 37.18
CA GLU A 3 10.49 25.43 35.79
C GLU A 3 10.44 24.12 35.00
N LEU A 4 10.95 23.05 35.60
CA LEU A 4 11.01 21.76 34.96
C LEU A 4 9.62 21.20 34.64
N LYS A 5 8.68 21.36 35.56
CA LYS A 5 7.33 20.85 35.37
C LYS A 5 6.62 21.58 34.24
N VAL A 6 6.79 22.91 34.17
CA VAL A 6 6.21 23.71 33.10
C VAL A 6 6.80 23.33 31.74
N ARG A 7 8.11 23.14 31.70
CA ARG A 7 8.79 22.73 30.50
C ARG A 7 8.27 21.39 29.98
N GLU A 8 8.19 20.42 30.88
CA GLU A 8 7.70 19.09 30.55
C GLU A 8 6.21 19.10 30.25
N PHE A 9 5.49 20.07 30.82
CA PHE A 9 4.09 20.19 30.47
C PHE A 9 3.93 20.55 28.99
N TYR A 10 4.69 21.54 28.50
CA TYR A 10 4.54 21.94 27.12
C TYR A 10 5.07 20.91 26.15
N ARG A 11 6.09 20.16 26.58
CA ARG A 11 6.56 19.03 25.78
C ARG A 11 5.40 18.05 25.61
N LEU A 12 4.70 17.78 26.72
CA LEU A 12 3.62 16.80 26.72
C LEU A 12 2.41 17.32 25.96
N HIS A 13 2.07 18.57 26.20
CA HIS A 13 0.91 19.15 25.55
C HIS A 13 1.11 19.20 24.03
N ASN A 14 2.31 19.55 23.57
CA ASN A 14 2.59 19.56 22.13
C ASN A 14 2.59 18.16 21.51
N ALA A 15 2.98 17.15 22.28
CA ALA A 15 2.88 15.79 21.79
C ALA A 15 1.41 15.37 21.70
N CYS A 16 0.60 15.80 22.66
CA CYS A 16 -0.85 15.53 22.59
C CYS A 16 -1.49 16.24 21.37
N VAL A 17 -1.06 17.47 21.08
CA VAL A 17 -1.58 18.19 19.92
C VAL A 17 -1.30 17.41 18.64
N LYS A 18 -0.09 16.92 18.49
CA LYS A 18 0.30 16.12 17.33
C LYS A 18 -0.41 14.77 17.27
N LEU A 19 -0.61 14.13 18.42
CA LEU A 19 -1.28 12.84 18.43
C LEU A 19 -2.72 13.03 17.90
N LYS A 20 -3.39 14.05 18.43
CA LYS A 20 -4.74 14.39 18.05
C LYS A 20 -4.83 14.67 16.55
N GLU A 21 -3.93 15.52 16.05
CA GLU A 21 -3.93 15.83 14.63
C GLU A 21 -3.68 14.57 13.82
N SER A 22 -2.71 13.76 14.23
CA SER A 22 -2.37 12.58 13.45
C SER A 22 -3.44 11.45 13.47
N ILE A 23 -4.09 11.22 14.62
CA ILE A 23 -5.05 10.12 14.65
C ILE A 23 -6.25 10.48 13.80
N LYS A 24 -6.60 11.75 13.73
CA LYS A 24 -7.68 12.17 12.88
C LYS A 24 -7.38 11.87 11.39
N LEU A 25 -6.17 12.20 10.94
CA LEU A 25 -5.75 11.85 9.58
C LEU A 25 -5.81 10.34 9.36
N ILE A 26 -5.41 9.57 10.36
CA ILE A 26 -5.42 8.12 10.23
C ILE A 26 -6.85 7.58 10.16
N TYR A 27 -7.69 7.98 11.12
CA TYR A 27 -9.05 7.48 11.16
C TYR A 27 -9.75 7.76 9.82
N GLU A 28 -9.42 8.87 9.17
CA GLU A 28 -10.18 9.35 8.01
C GLU A 28 -9.54 9.09 6.66
N ASN A 29 -8.36 8.50 6.63
CA ASN A 29 -7.66 8.35 5.37
C ASN A 29 -8.46 7.43 4.43
N PRO A 30 -8.61 7.81 3.17
CA PRO A 30 -9.44 7.04 2.23
C PRO A 30 -8.91 5.63 1.97
N LEU A 31 -7.62 5.42 2.17
CA LEU A 31 -7.07 4.08 2.05
C LEU A 31 -7.52 3.17 3.21
N VAL A 32 -7.86 3.77 4.35
CA VAL A 32 -8.08 3.01 5.58
C VAL A 32 -9.55 2.65 5.80
N THR A 33 -10.46 3.52 5.39
CA THR A 33 -11.88 3.35 5.70
C THR A 33 -12.53 2.30 4.78
N ASP A 34 -13.61 1.69 5.26
CA ASP A 34 -14.17 0.52 4.59
C ASP A 34 -14.86 0.78 3.25
N GLN A 35 -15.24 2.04 3.02
CA GLN A 35 -15.80 2.47 1.74
C GLN A 35 -14.82 2.31 0.58
N ASN A 36 -13.52 2.23 0.87
CA ASN A 36 -12.53 2.02 -0.17
C ASN A 36 -12.78 2.90 -1.40
N VAL A 37 -12.97 4.19 -1.17
CA VAL A 37 -13.29 5.14 -2.25
C VAL A 37 -12.22 5.28 -3.31
N LEU A 38 -11.01 4.78 -3.04
CA LEU A 38 -9.96 4.84 -4.05
C LEU A 38 -9.82 3.51 -4.77
N ASN A 39 -10.64 2.53 -4.41
CA ASN A 39 -10.61 1.22 -5.05
C ASN A 39 -9.29 0.46 -4.97
N LEU A 40 -8.73 0.37 -3.77
CA LEU A 40 -7.65 -0.57 -3.54
C LEU A 40 -8.12 -1.95 -3.93
N GLY A 41 -7.23 -2.71 -4.57
CA GLY A 41 -7.51 -4.09 -4.92
C GLY A 41 -8.00 -4.15 -6.36
N THR A 42 -7.87 -3.02 -7.03
CA THR A 42 -8.36 -2.86 -8.38
C THR A 42 -7.21 -2.69 -9.39
N ALA A 43 -6.01 -2.44 -8.89
CA ALA A 43 -4.83 -2.33 -9.75
C ALA A 43 -4.54 -3.66 -10.42
N GLU A 44 -3.93 -3.61 -11.60
CA GLU A 44 -3.62 -4.83 -12.33
C GLU A 44 -2.14 -5.19 -12.26
N ASN A 45 -1.42 -4.52 -11.39
CA ASN A 45 -0.08 -4.97 -11.01
C ASN A 45 -0.02 -5.00 -9.50
N THR A 46 1.15 -5.21 -8.94
CA THR A 46 1.27 -5.52 -7.51
C THR A 46 1.13 -4.31 -6.60
N ILE A 47 0.90 -3.13 -7.17
CA ILE A 47 0.96 -1.92 -6.35
C ILE A 47 -0.07 -1.91 -5.22
N ASP A 48 -1.28 -2.38 -5.49
CA ASP A 48 -2.31 -2.44 -4.45
C ASP A 48 -1.97 -3.49 -3.40
N TYR A 49 -1.52 -4.67 -3.84
CA TYR A 49 -1.02 -5.66 -2.90
C TYR A 49 0.05 -5.04 -1.96
N THR A 50 1.00 -4.30 -2.53
CA THR A 50 2.07 -3.67 -1.75
C THR A 50 1.52 -2.70 -0.69
N ILE A 51 0.67 -1.79 -1.13
CA ILE A 51 0.03 -0.88 -0.21
C ILE A 51 -0.72 -1.63 0.91
N LEU A 52 -1.52 -2.63 0.54
CA LEU A 52 -2.33 -3.34 1.52
C LEU A 52 -1.53 -4.11 2.54
N ASN A 53 -0.31 -4.49 2.18
CA ASN A 53 0.51 -5.26 3.07
C ASN A 53 1.62 -4.47 3.79
N THR A 54 1.63 -3.14 3.66
CA THR A 54 2.58 -2.32 4.40
C THR A 54 2.25 -2.32 5.89
N PRO A 55 3.28 -2.18 6.72
CA PRO A 55 3.08 -1.95 8.15
C PRO A 55 2.12 -0.77 8.38
N THR A 56 2.23 0.24 7.53
CA THR A 56 1.39 1.43 7.62
C THR A 56 -0.11 1.11 7.59
N LEU A 57 -0.54 0.39 6.56
CA LEU A 57 -1.96 0.01 6.48
C LEU A 57 -2.33 -0.94 7.60
N ASN A 58 -1.44 -1.88 7.92
CA ASN A 58 -1.72 -2.81 9.03
C ASN A 58 -2.00 -2.05 10.32
N VAL A 59 -1.08 -1.16 10.68
CA VAL A 59 -1.22 -0.36 11.89
C VAL A 59 -2.48 0.50 11.86
N ALA A 60 -2.68 1.21 10.75
CA ALA A 60 -3.81 2.11 10.62
C ALA A 60 -5.16 1.39 10.75
N LYS A 61 -5.25 0.24 10.13
CA LYS A 61 -6.46 -0.57 10.22
C LYS A 61 -6.70 -1.10 11.63
N THR A 62 -5.66 -1.55 12.31
CA THR A 62 -5.79 -1.95 13.72
C THR A 62 -6.30 -0.76 14.56
N LEU A 63 -5.76 0.43 14.30
CA LEU A 63 -6.20 1.61 15.06
C LEU A 63 -7.67 1.91 14.82
N LEU A 64 -8.04 1.98 13.55
CA LEU A 64 -9.42 2.22 13.15
C LEU A 64 -10.36 1.15 13.72
N GLY A 65 -9.93 -0.11 13.70
CA GLY A 65 -10.74 -1.16 14.28
C GLY A 65 -10.78 -1.20 15.80
N ASN A 66 -10.06 -0.31 16.48
CA ASN A 66 -10.09 -0.28 17.95
C ASN A 66 -10.95 0.87 18.53
N ARG A 67 -11.58 1.66 17.68
CA ARG A 67 -12.27 2.85 18.17
C ARG A 67 -13.39 2.53 19.14
N TYR A 68 -14.06 1.39 18.97
CA TYR A 68 -15.15 0.96 19.85
C TYR A 68 -14.63 0.82 21.27
N SER A 69 -13.37 0.44 21.39
CA SER A 69 -12.77 0.28 22.69
C SER A 69 -12.28 1.64 23.21
N LEU A 70 -11.46 2.32 22.41
CA LEU A 70 -11.00 3.67 22.75
C LEU A 70 -10.93 4.51 21.47
N ASP A 71 -11.84 5.47 21.36
CA ASP A 71 -11.88 6.36 20.22
C ASP A 71 -11.08 7.59 20.60
N LEU A 72 -9.91 7.76 19.99
CA LEU A 72 -8.98 8.79 20.42
C LEU A 72 -9.51 10.20 20.16
N ILE A 73 -10.25 10.39 19.06
CA ILE A 73 -10.87 11.69 18.82
C ILE A 73 -11.86 12.05 19.93
N ASP A 74 -12.75 11.12 20.30
CA ASP A 74 -13.68 11.32 21.42
C ASP A 74 -12.98 11.56 22.74
N LEU A 75 -11.86 10.87 22.95
CA LEU A 75 -11.07 11.06 24.16
C LEU A 75 -10.69 12.53 24.35
N PHE A 76 -10.19 13.18 23.31
CA PHE A 76 -9.77 14.58 23.42
C PHE A 76 -10.92 15.52 23.74
N GLN A 77 -12.01 15.39 22.99
CA GLN A 77 -13.20 16.17 23.27
C GLN A 77 -13.74 15.91 24.68
N SER A 78 -13.74 14.64 25.09
CA SER A 78 -14.23 14.27 26.41
C SER A 78 -13.65 15.16 27.48
N HIS A 79 -12.39 15.53 27.32
CA HIS A 79 -11.71 16.27 28.35
C HIS A 79 -11.54 17.73 27.98
N ASP A 80 -12.28 18.20 26.98
CA ASP A 80 -12.18 19.59 26.54
C ASP A 80 -10.72 19.99 26.26
N PHE A 81 -9.99 19.11 25.58
CA PHE A 81 -8.64 19.45 25.17
C PHE A 81 -8.67 20.62 24.18
N LYS A 82 -7.86 21.63 24.44
CA LYS A 82 -7.70 22.75 23.51
C LYS A 82 -6.26 22.82 23.04
N ASP A 83 -6.04 22.90 21.73
CA ASP A 83 -4.69 22.94 21.17
C ASP A 83 -3.90 24.20 21.56
N SER A 84 -4.53 25.37 21.53
CA SER A 84 -3.78 26.61 21.57
C SER A 84 -3.82 27.34 22.90
N ASN A 85 -4.66 26.89 23.82
CA ASN A 85 -4.70 27.47 25.16
C ASN A 85 -4.72 26.41 26.26
N THR A 86 -3.92 26.64 27.29
CA THR A 86 -3.93 25.77 28.47
C THR A 86 -3.89 26.61 29.75
N ASP A 87 -4.33 26.01 30.85
CA ASP A 87 -4.33 26.64 32.17
C ASP A 87 -2.93 27.03 32.63
N VAL A 88 -1.91 26.51 31.96
CA VAL A 88 -0.53 26.75 32.35
C VAL A 88 0.02 28.03 31.70
N ASP A 89 -0.65 28.50 30.65
CA ASP A 89 -0.20 29.69 29.93
C ASP A 89 0.03 30.90 30.84
N MET A 90 -0.76 31.00 31.91
CA MET A 90 -0.67 32.14 32.81
C MET A 90 0.72 32.19 33.46
N PHE A 91 1.45 31.06 33.42
CA PHE A 91 2.76 30.98 34.05
C PHE A 91 3.90 31.32 33.10
N ILE A 92 3.56 31.71 31.87
CA ILE A 92 4.59 32.01 30.88
C ILE A 92 4.31 33.28 30.09
N LYS A 93 5.34 33.82 29.46
CA LYS A 93 5.21 35.04 28.68
C LYS A 93 5.17 34.72 27.19
N TYR A 94 5.99 33.75 26.80
CA TYR A 94 6.11 33.39 25.40
C TYR A 94 6.36 31.88 25.36
N PRO A 95 6.39 31.30 24.15
CA PRO A 95 6.48 29.83 24.07
C PRO A 95 7.74 29.30 24.73
N VAL A 96 7.66 28.09 25.25
CA VAL A 96 8.68 27.55 26.14
C VAL A 96 9.70 26.65 25.45
N VAL A 97 10.98 26.84 25.78
CA VAL A 97 12.03 25.92 25.36
C VAL A 97 12.05 24.76 26.35
N TYR A 98 12.05 23.52 25.86
CA TYR A 98 11.98 22.36 26.75
C TYR A 98 13.26 22.18 27.57
N ASP A 99 14.39 22.51 26.97
CA ASP A 99 15.68 22.26 27.60
C ASP A 99 16.25 23.56 28.17
N GLU A 100 16.40 23.62 29.48
CA GLU A 100 16.93 24.83 30.11
C GLU A 100 18.28 25.30 29.56
N ASN A 101 19.17 24.36 29.26
CA ASN A 101 20.47 24.71 28.72
C ASN A 101 20.37 25.39 27.37
N LEU A 102 19.58 24.79 26.47
CA LEU A 102 19.37 25.36 25.17
C LEU A 102 18.84 26.79 25.34
N GLU A 103 17.89 26.97 26.24
CA GLU A 103 17.29 28.30 26.44
C GLU A 103 18.33 29.32 26.91
N ASN A 104 19.18 28.93 27.84
CA ASN A 104 20.23 29.81 28.32
C ASN A 104 21.24 30.13 27.24
N LEU A 105 21.60 29.13 26.46
CA LEU A 105 22.53 29.32 25.35
C LEU A 105 22.04 30.43 24.40
N ALA A 106 20.72 30.59 24.33
CA ALA A 106 20.15 31.57 23.41
C ALA A 106 20.43 33.00 23.84
N PHE A 107 20.54 33.24 25.14
CA PHE A 107 20.80 34.59 25.62
C PHE A 107 22.29 34.89 25.84
N MET A 108 23.14 33.92 25.57
CA MET A 108 24.58 34.12 25.76
C MET A 108 25.26 34.87 24.60
N HIS A 109 25.76 36.06 24.94
CA HIS A 109 26.37 36.98 23.98
C HIS A 109 27.66 36.43 23.39
N LYS A 110 27.75 36.42 22.06
CA LYS A 110 28.96 36.02 21.36
C LYS A 110 30.09 36.99 21.65
N SER A 111 31.10 36.54 22.38
CA SER A 111 32.24 37.40 22.69
C SER A 111 33.27 37.36 21.58
N PHE A 112 33.74 38.54 21.18
CA PHE A 112 34.78 38.64 20.16
C PHE A 112 36.10 38.13 20.77
N PRO A 113 37.05 37.72 19.91
CA PRO A 113 38.29 37.04 20.33
C PRO A 113 38.60 37.16 21.81
N ALA A 117 43.10 31.98 25.34
CA ALA A 117 42.58 31.81 26.69
C ALA A 117 41.08 32.07 26.75
N HIS A 118 40.35 31.16 27.40
CA HIS A 118 40.94 30.02 28.07
C HIS A 118 40.38 28.69 27.55
N LEU A 119 39.24 28.76 26.88
CA LEU A 119 38.53 27.56 26.42
C LEU A 119 38.79 27.30 24.94
N ASN A 120 38.83 26.03 24.56
CA ASN A 120 38.99 25.69 23.14
C ASN A 120 37.74 26.11 22.37
N ASP A 121 37.88 26.32 21.07
CA ASP A 121 36.80 26.93 20.29
C ASP A 121 35.59 26.01 20.06
N ALA A 122 35.78 24.70 20.24
CA ALA A 122 34.68 23.74 20.09
C ALA A 122 33.70 23.82 21.27
N GLN A 123 34.17 24.36 22.39
CA GLN A 123 33.31 24.57 23.54
C GLN A 123 32.90 26.05 23.64
N LYS A 124 33.58 26.90 22.87
CA LYS A 124 33.16 28.29 22.76
C LYS A 124 31.84 28.36 22.00
N THR A 125 31.65 27.45 21.04
CA THR A 125 30.39 27.38 20.28
C THR A 125 29.23 27.00 21.21
N GLN A 126 29.55 26.26 22.26
CA GLN A 126 28.58 25.94 23.32
C GLN A 126 28.44 27.05 24.37
N LEU A 127 29.08 28.19 24.13
CA LEU A 127 28.97 29.31 25.06
C LEU A 127 28.64 30.62 24.32
N SER A 128 27.97 30.50 23.19
CA SER A 128 27.63 31.66 22.36
C SER A 128 26.33 31.33 21.63
N ASN A 129 25.44 32.31 21.52
CA ASN A 129 24.17 32.13 20.86
C ASN A 129 24.26 32.26 19.34
N GLU A 130 25.47 32.31 18.79
CA GLU A 130 25.59 32.58 17.36
C GLU A 130 25.13 31.45 16.43
N ARG A 131 25.28 30.18 16.84
CA ARG A 131 24.77 29.07 16.03
C ARG A 131 23.26 29.12 16.00
N LEU A 132 22.68 29.24 17.19
CA LEU A 132 21.24 29.36 17.36
C LEU A 132 20.69 30.52 16.53
N GLU A 133 21.37 31.66 16.58
CA GLU A 133 20.96 32.81 15.80
C GLU A 133 20.92 32.43 14.34
N PHE A 134 22.00 31.80 13.87
CA PHE A 134 22.04 31.34 12.49
C PHE A 134 20.79 30.50 12.14
N LEU A 135 20.49 29.51 12.98
CA LEU A 135 19.29 28.68 12.79
C LEU A 135 17.98 29.47 12.95
N GLY A 136 17.89 30.28 13.99
CA GLY A 136 16.66 30.99 14.29
C GLY A 136 16.31 32.00 13.21
N ASP A 137 17.34 32.61 12.65
CA ASP A 137 17.18 33.59 11.58
C ASP A 137 16.47 32.91 10.39
N SER A 138 16.97 31.73 10.04
CA SER A 138 16.45 30.99 8.90
C SER A 138 15.01 30.55 9.12
N TRP A 139 14.74 30.05 10.32
CA TRP A 139 13.41 29.57 10.70
C TRP A 139 12.38 30.68 10.94
N LEU A 140 12.80 31.79 11.53
CA LEU A 140 11.97 33.00 11.54
C LEU A 140 11.55 33.39 10.13
N GLY A 141 12.48 33.29 9.18
CA GLY A 141 12.16 33.58 7.79
C GLY A 141 11.13 32.61 7.20
N ALA A 142 11.32 31.31 7.45
CA ALA A 142 10.42 30.29 6.93
C ALA A 142 9.02 30.39 7.56
N LEU A 143 8.96 30.46 8.88
CA LEU A 143 7.67 30.63 9.55
C LEU A 143 6.91 31.89 9.12
N VAL A 144 7.59 33.04 9.09
CA VAL A 144 6.98 34.29 8.63
C VAL A 144 6.54 34.21 7.16
N SER A 145 7.38 33.63 6.29
CA SER A 145 6.97 33.39 4.90
C SER A 145 5.72 32.52 4.86
N TYR A 146 5.61 31.55 5.76
CA TYR A 146 4.43 30.70 5.78
C TYR A 146 3.23 31.52 6.23
N ILE A 147 3.46 32.39 7.20
CA ILE A 147 2.40 33.23 7.70
C ILE A 147 1.83 34.12 6.60
N VAL A 148 2.69 34.76 5.82
CA VAL A 148 2.18 35.72 4.84
C VAL A 148 1.63 35.01 3.61
N TYR A 149 2.20 33.87 3.26
CA TYR A 149 1.68 33.03 2.18
C TYR A 149 0.24 32.63 2.43
N THR A 150 -0.04 32.06 3.59
CA THR A 150 -1.37 31.55 3.90
C THR A 150 -2.31 32.68 4.29
N ARG A 151 -1.75 33.75 4.82
CA ARG A 151 -2.58 34.85 5.28
C ARG A 151 -3.03 35.75 4.13
N PHE A 152 -2.20 35.86 3.10
CA PHE A 152 -2.54 36.66 1.94
C PHE A 152 -2.46 35.84 0.65
N PRO A 153 -3.47 35.00 0.44
CA PRO A 153 -3.52 34.06 -0.69
C PRO A 153 -3.42 34.74 -2.05
N SER A 154 -3.74 36.03 -2.13
CA SER A 154 -3.80 36.75 -3.41
C SER A 154 -2.58 37.62 -3.65
N ALA A 155 -1.71 37.73 -2.65
CA ALA A 155 -0.54 38.59 -2.78
C ALA A 155 0.48 37.99 -3.74
N ASN A 156 1.17 38.84 -4.50
CA ASN A 156 2.25 38.35 -5.34
C ASN A 156 3.53 38.34 -4.53
N GLU A 157 4.62 37.86 -5.13
CA GLU A 157 5.89 37.72 -4.42
C GLU A 157 6.39 39.06 -3.87
N GLY A 158 6.31 40.10 -4.70
CA GLY A 158 6.67 41.44 -4.27
C GLY A 158 6.00 41.83 -2.97
N MET A 159 4.69 41.60 -2.89
CA MET A 159 3.93 41.93 -1.68
C MET A 159 4.36 41.06 -0.51
N LEU A 160 4.50 39.75 -0.74
CA LEU A 160 4.84 38.82 0.34
C LEU A 160 6.21 39.21 0.89
N SER A 161 7.15 39.51 -0.02
CA SER A 161 8.51 39.88 0.38
C SER A 161 8.58 41.17 1.16
N GLN A 162 7.79 42.16 0.73
CA GLN A 162 7.80 43.46 1.39
C GLN A 162 7.27 43.28 2.80
N MET A 163 6.21 42.49 2.91
CA MET A 163 5.58 42.25 4.20
C MET A 163 6.55 41.49 5.12
N LYS A 164 7.18 40.46 4.59
CA LYS A 164 8.11 39.67 5.39
C LYS A 164 9.26 40.53 5.91
N GLU A 165 9.84 41.35 5.02
CA GLU A 165 10.95 42.22 5.42
C GLU A 165 10.60 43.22 6.50
N SER A 166 9.37 43.71 6.50
CA SER A 166 8.97 44.69 7.50
C SER A 166 8.88 44.03 8.88
N ILE A 167 8.88 42.71 8.87
CA ILE A 167 8.70 41.93 10.09
C ILE A 167 10.03 41.42 10.63
N VAL A 168 10.87 40.90 9.74
CA VAL A 168 12.06 40.21 10.18
C VAL A 168 13.29 41.09 10.24
N ASN A 169 13.16 42.37 9.88
CA ASN A 169 14.32 43.26 9.92
C ASN A 169 14.76 43.51 11.37
N ASN A 170 16.01 43.92 11.55
CA ASN A 170 16.58 44.04 12.89
C ASN A 170 15.86 45.08 13.77
N ASN A 171 15.38 46.15 13.14
CA ASN A 171 14.65 47.17 13.88
C ASN A 171 13.39 46.61 14.54
N ASN A 172 12.56 45.93 13.76
CA ASN A 172 11.34 45.33 14.29
C ASN A 172 11.64 44.27 15.36
N LEU A 173 12.68 43.48 15.14
CA LEU A 173 13.08 42.45 16.10
C LEU A 173 13.54 43.09 17.42
N PHE A 174 14.14 44.28 17.34
CA PHE A 174 14.46 45.01 18.56
C PHE A 174 13.19 45.42 19.31
N ASP A 175 12.19 45.89 18.56
CA ASP A 175 10.90 46.17 19.19
C ASP A 175 10.29 44.92 19.83
N TRP A 176 10.42 43.76 19.18
CA TRP A 176 9.97 42.51 19.79
C TRP A 176 10.72 42.26 21.10
N SER A 177 12.04 42.31 21.04
CA SER A 177 12.85 42.03 22.22
C SER A 177 12.43 42.95 23.37
N THR A 178 12.06 44.18 23.04
CA THR A 178 11.53 45.11 24.03
C THR A 178 10.19 44.61 24.57
N LYS A 179 9.29 44.22 23.67
CA LYS A 179 7.99 43.70 24.06
C LYS A 179 8.12 42.44 24.92
N LEU A 180 9.15 41.64 24.65
CA LEU A 180 9.35 40.36 25.35
C LEU A 180 10.18 40.52 26.61
N ASN A 181 10.53 41.76 26.93
CA ASN A 181 11.33 42.01 28.13
C ASN A 181 12.71 41.33 28.10
N PHE A 182 13.28 41.15 26.92
CA PHE A 182 14.59 40.50 26.82
C PHE A 182 15.66 41.29 27.57
N THR A 183 15.31 42.49 27.99
CA THR A 183 16.21 43.34 28.77
C THR A 183 16.42 42.78 30.18
N LYS A 184 15.33 42.49 30.88
CA LYS A 184 15.42 41.87 32.19
C LYS A 184 16.02 40.46 32.12
N ARG A 185 16.26 39.98 30.91
CA ARG A 185 16.85 38.66 30.71
C ARG A 185 18.34 38.77 30.54
N LEU A 186 18.80 39.96 30.18
CA LEU A 186 20.22 40.17 29.91
C LEU A 186 20.89 40.98 31.03
N GLN A 187 20.13 41.26 32.09
CA GLN A 187 20.69 41.89 33.28
C GLN A 187 21.80 41.00 33.81
N GLY A 188 22.99 41.56 33.94
CA GLY A 188 24.10 40.84 34.51
C GLY A 188 24.81 41.72 35.51
N ASN A 189 26.12 41.51 35.61
CA ASN A 189 26.94 42.26 36.53
C ASN A 189 27.11 43.69 36.04
N ILE A 190 27.52 43.83 34.79
CA ILE A 190 27.78 45.14 34.20
C ILE A 190 26.51 45.85 33.74
N ALA A 191 26.36 47.11 34.15
CA ALA A 191 25.25 47.95 33.73
C ALA A 191 25.29 48.26 32.23
N THR A 192 24.24 48.89 31.72
CA THR A 192 24.09 49.14 30.28
C THR A 192 23.84 50.62 29.91
N PRO A 193 24.26 51.56 30.76
CA PRO A 193 23.83 52.95 30.56
C PRO A 193 24.51 53.59 29.37
N LYS A 198 20.42 52.78 21.37
CA LYS A 198 21.80 52.47 21.00
C LYS A 198 21.88 51.87 19.60
N ASP A 199 23.10 51.55 19.18
CA ASP A 199 23.34 50.99 17.86
C ASP A 199 23.78 49.53 17.97
N LYS A 200 24.99 49.33 18.47
CA LYS A 200 25.51 47.99 18.76
C LYS A 200 24.52 47.24 19.64
N MET A 201 23.85 47.98 20.51
CA MET A 201 22.92 47.37 21.46
C MET A 201 21.75 46.71 20.74
N SER A 202 20.95 47.51 20.04
CA SER A 202 19.76 47.00 19.37
C SER A 202 20.03 45.68 18.66
N LYS A 203 21.19 45.60 18.01
CA LYS A 203 21.57 44.44 17.23
C LYS A 203 21.62 43.16 18.06
N ARG A 204 22.36 43.21 19.17
CA ARG A 204 22.55 42.03 20.02
C ARG A 204 21.23 41.54 20.63
N TYR A 205 20.30 42.47 20.80
CA TYR A 205 18.97 42.12 21.26
C TYR A 205 18.24 41.34 20.16
N ALA A 206 18.37 41.82 18.93
CA ALA A 206 17.73 41.20 17.79
C ALA A 206 18.31 39.81 17.61
N ASP A 207 19.62 39.69 17.84
CA ASP A 207 20.27 38.39 17.77
C ASP A 207 19.59 37.41 18.71
N CYS A 208 19.30 37.86 19.93
CA CYS A 208 18.66 36.98 20.93
C CYS A 208 17.28 36.52 20.49
N VAL A 209 16.49 37.42 19.89
CA VAL A 209 15.16 37.03 19.41
C VAL A 209 15.31 35.89 18.42
N GLU A 210 16.23 36.04 17.47
CA GLU A 210 16.52 34.97 16.52
C GLU A 210 17.04 33.69 17.19
N ALA A 211 17.98 33.84 18.13
CA ALA A 211 18.55 32.71 18.85
C ALA A 211 17.46 31.93 19.57
N TYR A 212 16.54 32.64 20.20
CA TYR A 212 15.49 32.01 20.97
C TYR A 212 14.58 31.16 20.05
N ILE A 213 14.27 31.71 18.88
CA ILE A 213 13.50 30.97 17.89
C ILE A 213 14.29 29.73 17.48
N GLY A 214 15.61 29.89 17.36
CA GLY A 214 16.48 28.76 17.10
C GLY A 214 16.28 27.66 18.13
N ALA A 215 16.29 28.02 19.41
CA ALA A 215 16.08 27.04 20.47
C ALA A 215 14.71 26.34 20.36
N LEU A 216 13.67 27.12 20.11
CA LEU A 216 12.32 26.58 19.98
C LEU A 216 12.28 25.53 18.88
N VAL A 217 12.96 25.81 17.79
CA VAL A 217 12.99 24.92 16.65
C VAL A 217 13.72 23.63 16.98
N ILE A 218 14.88 23.75 17.60
CA ILE A 218 15.63 22.56 17.95
C ILE A 218 14.77 21.66 18.84
N ASP A 219 14.08 22.25 19.82
CA ASP A 219 13.25 21.46 20.71
C ASP A 219 12.06 20.83 20.00
N ARG A 220 11.51 21.49 18.99
CA ARG A 220 10.28 21.02 18.38
C ARG A 220 10.48 20.17 17.11
N PHE A 221 11.63 20.26 16.46
CA PHE A 221 11.82 19.55 15.20
C PHE A 221 11.70 18.06 15.42
N GLY A 222 10.73 17.45 14.75
CA GLY A 222 10.47 16.02 14.90
C GLY A 222 10.34 15.31 13.57
N THR A 223 9.12 15.00 13.18
CA THR A 223 8.93 14.12 12.03
C THR A 223 8.10 14.77 10.94
N GLU A 224 7.48 15.88 11.28
CA GLU A 224 6.60 16.56 10.34
C GLU A 224 7.27 16.86 8.99
N PHE A 225 8.54 17.29 9.02
CA PHE A 225 9.23 17.62 7.78
C PHE A 225 10.41 16.70 7.58
N LEU A 226 10.39 15.56 8.26
CA LEU A 226 11.52 14.64 8.27
C LEU A 226 11.83 14.10 6.88
N ASP A 227 10.79 13.69 6.15
CA ASP A 227 10.99 13.14 4.82
C ASP A 227 11.61 14.18 3.85
N ILE A 228 11.28 15.46 4.01
CA ILE A 228 11.91 16.50 3.19
C ILE A 228 13.36 16.67 3.61
N LYS A 229 13.57 16.74 4.92
CA LYS A 229 14.89 16.95 5.49
C LYS A 229 15.83 15.85 5.02
N GLU A 230 15.40 14.61 5.16
CA GLU A 230 16.23 13.47 4.78
C GLU A 230 16.52 13.46 3.29
N TRP A 231 15.53 13.86 2.51
CA TRP A 231 15.71 13.98 1.07
C TRP A 231 16.73 15.07 0.70
N LEU A 232 16.57 16.26 1.27
CA LEU A 232 17.54 17.35 1.05
C LEU A 232 18.93 16.95 1.46
N GLU A 233 19.02 16.18 2.55
CA GLU A 233 20.30 15.70 3.07
C GLU A 233 20.97 14.72 2.12
N GLU A 234 20.19 13.76 1.61
CA GLU A 234 20.67 12.81 0.63
C GLU A 234 21.17 13.52 -0.65
N LEU A 235 20.46 14.55 -1.09
CA LEU A 235 20.84 15.31 -2.29
C LEU A 235 22.10 16.13 -2.05
N SER A 236 22.30 16.52 -0.81
CA SER A 236 23.40 17.40 -0.42
C SER A 236 24.65 16.62 -0.03
N GLU A 237 24.59 15.30 -0.09
CA GLU A 237 25.60 14.45 0.54
C GLU A 237 27.03 14.73 0.07
N LYS A 238 27.22 14.87 -1.23
CA LYS A 238 28.55 15.16 -1.77
C LYS A 238 29.07 16.49 -1.24
N LYS A 239 28.24 17.53 -1.32
CA LYS A 239 28.58 18.84 -0.79
C LYS A 239 28.87 18.82 0.72
N LEU A 240 28.09 18.05 1.47
CA LEU A 240 28.24 18.02 2.92
C LEU A 240 29.48 17.26 3.33
N ALA A 241 29.91 16.33 2.49
CA ALA A 241 31.12 15.56 2.77
C ALA A 241 32.35 16.45 2.68
N LYS A 242 32.28 17.45 1.81
CA LYS A 242 33.30 18.50 1.78
C LYS A 242 33.23 19.35 3.05
N SER A 243 33.21 18.67 4.19
CA SER A 243 33.26 19.33 5.50
C SER A 243 34.70 19.79 5.76
N SER A 244 35.35 20.27 4.70
CA SER A 244 36.73 20.72 4.75
C SER A 244 36.91 21.90 5.69
N GLN A 245 35.99 22.85 5.60
CA GLN A 245 36.08 24.06 6.41
C GLN A 245 35.61 23.84 7.86
N MET A 246 35.77 22.60 8.33
CA MET A 246 35.43 22.25 9.72
C MET A 246 36.65 22.39 10.63
N SER B 1 -5.49 8.15 -10.16
CA SER B 1 -6.11 7.44 -9.06
C SER B 1 -5.19 6.32 -8.57
N ASN B 2 -4.35 5.82 -9.48
CA ASN B 2 -3.16 5.10 -9.06
C ASN B 2 -2.20 6.11 -8.43
N GLU B 3 -2.25 7.35 -8.93
CA GLU B 3 -1.53 8.45 -8.35
C GLU B 3 -2.14 8.84 -7.00
N LEU B 4 -3.46 8.92 -6.95
CA LEU B 4 -4.17 9.26 -5.74
C LEU B 4 -3.87 8.28 -4.58
N LYS B 5 -3.82 6.99 -4.87
CA LYS B 5 -3.57 6.00 -3.83
C LYS B 5 -2.18 6.22 -3.24
N VAL B 6 -1.23 6.54 -4.11
CA VAL B 6 0.14 6.74 -3.67
C VAL B 6 0.26 8.04 -2.87
N ARG B 7 -0.39 9.10 -3.33
CA ARG B 7 -0.39 10.36 -2.60
C ARG B 7 -1.00 10.17 -1.23
N GLU B 8 -2.11 9.44 -1.16
CA GLU B 8 -2.81 9.27 0.10
C GLU B 8 -2.01 8.38 1.01
N PHE B 9 -1.32 7.40 0.42
CA PHE B 9 -0.44 6.54 1.18
C PHE B 9 0.64 7.33 1.95
N TYR B 10 1.36 8.22 1.29
CA TYR B 10 2.36 9.00 2.01
C TYR B 10 1.75 9.97 3.01
N ARG B 11 0.57 10.50 2.70
CA ARG B 11 -0.13 11.29 3.70
C ARG B 11 -0.38 10.45 4.95
N LEU B 12 -0.77 9.20 4.75
CA LEU B 12 -1.10 8.29 5.85
C LEU B 12 0.15 7.89 6.62
N HIS B 13 1.19 7.52 5.89
CA HIS B 13 2.43 7.07 6.48
C HIS B 13 3.03 8.16 7.36
N ASN B 14 3.07 9.38 6.83
CA ASN B 14 3.59 10.51 7.59
C ASN B 14 2.75 10.79 8.84
N ALA B 15 1.44 10.58 8.74
CA ALA B 15 0.59 10.70 9.92
C ALA B 15 0.91 9.60 10.93
N CYS B 16 1.21 8.40 10.43
CA CYS B 16 1.59 7.27 11.28
C CYS B 16 2.96 7.51 11.98
N VAL B 17 3.93 8.04 11.24
CA VAL B 17 5.24 8.38 11.79
C VAL B 17 5.08 9.38 12.94
N LYS B 18 4.30 10.43 12.70
CA LYS B 18 4.02 11.42 13.72
C LYS B 18 3.25 10.83 14.93
N LEU B 19 2.30 9.94 14.67
CA LEU B 19 1.56 9.29 15.77
C LEU B 19 2.53 8.46 16.63
N LYS B 20 3.40 7.71 15.97
CA LYS B 20 4.37 6.89 16.68
C LYS B 20 5.25 7.77 17.56
N GLU B 21 5.79 8.84 16.99
CA GLU B 21 6.67 9.72 17.75
C GLU B 21 5.96 10.32 18.95
N SER B 22 4.74 10.81 18.72
CA SER B 22 3.96 11.48 19.75
C SER B 22 3.60 10.55 20.88
N ILE B 23 3.24 9.30 20.54
CA ILE B 23 2.75 8.39 21.57
C ILE B 23 3.88 7.98 22.50
N LYS B 24 5.07 7.88 21.95
CA LYS B 24 6.25 7.58 22.75
C LYS B 24 6.54 8.70 23.76
N LEU B 25 6.49 9.95 23.30
CA LEU B 25 6.61 11.12 24.16
C LEU B 25 5.55 11.09 25.28
N ILE B 26 4.32 10.76 24.93
CA ILE B 26 3.25 10.72 25.93
C ILE B 26 3.43 9.60 26.95
N TYR B 27 3.69 8.38 26.48
CA TYR B 27 3.89 7.25 27.38
C TYR B 27 5.01 7.51 28.39
N GLU B 28 6.01 8.29 27.98
CA GLU B 28 7.25 8.36 28.75
C GLU B 28 7.48 9.69 29.47
N ASN B 29 6.54 10.61 29.33
CA ASN B 29 6.71 11.91 29.93
C ASN B 29 6.76 11.77 31.45
N PRO B 30 7.68 12.49 32.09
CA PRO B 30 7.88 12.55 33.55
C PRO B 30 6.60 12.88 34.32
N LEU B 31 5.80 13.81 33.81
CA LEU B 31 4.53 14.14 34.47
C LEU B 31 3.54 12.99 34.45
N VAL B 32 3.80 11.98 33.63
CA VAL B 32 2.82 10.94 33.36
C VAL B 32 3.21 9.58 33.94
N THR B 33 4.50 9.30 34.00
CA THR B 33 4.99 8.02 34.53
C THR B 33 4.66 7.93 36.01
N ASP B 34 4.30 6.73 36.47
CA ASP B 34 3.84 6.56 37.84
C ASP B 34 4.92 6.76 38.91
N GLN B 35 6.18 6.79 38.48
CA GLN B 35 7.28 7.00 39.40
C GLN B 35 7.42 8.48 39.80
N ASN B 36 6.60 9.34 39.20
CA ASN B 36 6.52 10.75 39.61
C ASN B 36 7.90 11.36 39.88
N VAL B 37 8.80 11.27 38.90
CA VAL B 37 10.18 11.74 39.10
C VAL B 37 10.28 13.25 39.40
N LEU B 38 9.33 14.02 38.88
CA LEU B 38 9.34 15.47 39.08
C LEU B 38 8.68 15.85 40.40
N ASN B 39 7.93 14.91 40.97
CA ASN B 39 7.29 15.07 42.27
C ASN B 39 6.08 16.01 42.28
N LEU B 40 5.09 15.71 41.46
CA LEU B 40 3.81 16.40 41.53
C LEU B 40 3.12 16.11 42.86
N GLY B 41 2.85 17.17 43.62
CA GLY B 41 2.18 17.05 44.90
C GLY B 41 0.72 17.41 44.83
N THR B 42 0.02 17.34 45.95
CA THR B 42 -1.41 17.59 45.96
C THR B 42 -1.79 18.98 46.52
N ALA B 43 -0.80 19.86 46.68
CA ALA B 43 -1.05 21.22 47.22
C ALA B 43 -1.87 22.08 46.27
N GLU B 44 -2.90 22.73 46.81
CA GLU B 44 -3.94 23.33 46.00
C GLU B 44 -3.61 24.57 45.17
N ASN B 45 -2.80 25.48 45.67
CA ASN B 45 -2.57 26.71 44.91
C ASN B 45 -1.17 26.70 44.29
N THR B 46 -0.92 25.72 43.43
CA THR B 46 0.41 25.51 42.88
C THR B 46 0.34 25.16 41.40
N ILE B 47 1.49 25.18 40.74
CA ILE B 47 1.54 24.71 39.37
C ILE B 47 1.24 23.21 39.32
N ASP B 48 1.67 22.46 40.33
CA ASP B 48 1.38 21.04 40.40
C ASP B 48 -0.10 20.84 40.21
N TYR B 49 -0.87 21.58 40.99
CA TYR B 49 -2.32 21.44 40.95
C TYR B 49 -2.83 21.80 39.58
N THR B 50 -2.40 22.95 39.05
CA THR B 50 -2.87 23.42 37.74
C THR B 50 -2.58 22.37 36.65
N ILE B 51 -1.35 21.85 36.63
CA ILE B 51 -0.94 20.80 35.71
C ILE B 51 -1.80 19.54 35.83
N LEU B 52 -2.00 19.08 37.06
CA LEU B 52 -2.73 17.82 37.30
C LEU B 52 -4.17 17.87 36.82
N ASN B 53 -4.72 19.08 36.72
CA ASN B 53 -6.11 19.23 36.29
C ASN B 53 -6.34 19.68 34.83
N THR B 54 -5.28 19.71 34.01
CA THR B 54 -5.44 20.08 32.60
C THR B 54 -6.06 18.95 31.78
N PRO B 55 -6.86 19.29 30.76
CA PRO B 55 -7.20 18.28 29.74
C PRO B 55 -5.99 17.41 29.34
N THR B 56 -4.82 18.03 29.18
CA THR B 56 -3.61 17.34 28.74
C THR B 56 -3.22 16.14 29.61
N LEU B 57 -3.11 16.37 30.92
CA LEU B 57 -2.70 15.29 31.82
C LEU B 57 -3.77 14.20 31.91
N ASN B 58 -5.04 14.59 31.82
CA ASN B 58 -6.11 13.59 31.83
C ASN B 58 -6.09 12.72 30.56
N VAL B 59 -5.91 13.33 29.40
CA VAL B 59 -5.78 12.55 28.18
C VAL B 59 -4.54 11.62 28.26
N ALA B 60 -3.41 12.19 28.65
CA ALA B 60 -2.18 11.42 28.69
C ALA B 60 -2.31 10.19 29.57
N LYS B 61 -2.86 10.38 30.78
CA LYS B 61 -2.99 9.27 31.73
C LYS B 61 -3.95 8.18 31.26
N THR B 62 -5.03 8.59 30.59
CA THR B 62 -5.96 7.64 30.01
C THR B 62 -5.25 6.80 28.96
N LEU B 63 -4.46 7.46 28.12
CA LEU B 63 -3.69 6.72 27.10
C LEU B 63 -2.75 5.74 27.75
N LEU B 64 -1.98 6.20 28.72
CA LEU B 64 -1.03 5.33 29.42
C LEU B 64 -1.78 4.17 30.09
N GLY B 65 -2.92 4.49 30.70
CA GLY B 65 -3.75 3.47 31.33
C GLY B 65 -4.37 2.47 30.37
N ASN B 66 -4.31 2.74 29.07
CA ASN B 66 -4.96 1.82 28.14
C ASN B 66 -3.96 0.89 27.42
N ARG B 67 -2.69 0.96 27.81
CA ARG B 67 -1.66 0.15 27.16
C ARG B 67 -1.93 -1.34 27.23
N TYR B 68 -2.38 -1.83 28.38
CA TYR B 68 -2.64 -3.26 28.61
C TYR B 68 -3.59 -3.82 27.53
N SER B 69 -4.48 -2.97 27.06
CA SER B 69 -5.42 -3.33 26.00
C SER B 69 -4.81 -3.16 24.61
N LEU B 70 -4.28 -1.97 24.33
CA LEU B 70 -3.54 -1.75 23.08
C LEU B 70 -2.35 -0.83 23.32
N ASP B 71 -1.17 -1.40 23.20
CA ASP B 71 0.04 -0.62 23.40
C ASP B 71 0.50 -0.14 22.02
N LEU B 72 0.43 1.17 21.79
CA LEU B 72 0.72 1.71 20.45
C LEU B 72 2.15 1.48 20.02
N ILE B 73 3.09 1.60 20.95
CA ILE B 73 4.49 1.33 20.62
C ILE B 73 4.65 -0.12 20.16
N ASP B 74 4.10 -1.05 20.92
CA ASP B 74 4.05 -2.47 20.53
C ASP B 74 3.44 -2.68 19.15
N LEU B 75 2.32 -2.00 18.90
CA LEU B 75 1.62 -2.13 17.64
C LEU B 75 2.55 -1.82 16.47
N PHE B 76 3.28 -0.70 16.54
CA PHE B 76 4.22 -0.33 15.50
C PHE B 76 5.33 -1.38 15.33
N GLN B 77 5.95 -1.77 16.44
CA GLN B 77 7.03 -2.74 16.40
C GLN B 77 6.59 -4.09 15.87
N SER B 78 5.38 -4.50 16.23
CA SER B 78 4.90 -5.83 15.87
C SER B 78 4.61 -5.94 14.38
N HIS B 79 4.38 -4.80 13.73
CA HIS B 79 4.21 -4.82 12.28
C HIS B 79 5.48 -4.41 11.55
N ASP B 80 6.57 -4.24 12.29
CA ASP B 80 7.85 -3.90 11.65
C ASP B 80 7.76 -2.54 10.94
N PHE B 81 7.04 -1.59 11.54
CA PHE B 81 6.88 -0.27 10.93
C PHE B 81 8.23 0.42 10.86
N LYS B 82 8.53 1.01 9.72
CA LYS B 82 9.74 1.82 9.57
C LYS B 82 9.41 3.23 9.09
N ASP B 83 9.98 4.23 9.76
CA ASP B 83 9.67 5.64 9.52
C ASP B 83 10.12 6.13 8.16
N SER B 84 11.38 5.88 7.81
CA SER B 84 11.99 6.56 6.66
C SER B 84 11.96 5.73 5.38
N ASN B 85 11.46 4.51 5.48
CA ASN B 85 11.42 3.60 4.34
C ASN B 85 10.09 2.86 4.26
N THR B 86 9.60 2.67 3.04
CA THR B 86 8.41 1.84 2.80
C THR B 86 8.53 1.12 1.45
N ASP B 87 7.74 0.07 1.28
CA ASP B 87 7.73 -0.68 0.03
C ASP B 87 7.16 0.15 -1.13
N VAL B 88 6.39 1.17 -0.80
CA VAL B 88 5.81 2.05 -1.82
C VAL B 88 6.86 2.96 -2.46
N ASP B 89 8.04 3.10 -1.81
CA ASP B 89 9.11 3.98 -2.30
C ASP B 89 9.59 3.58 -3.69
N MET B 90 9.43 2.31 -4.03
CA MET B 90 9.87 1.82 -5.33
C MET B 90 9.07 2.47 -6.44
N PHE B 91 7.92 3.02 -6.09
CA PHE B 91 7.04 3.59 -7.11
C PHE B 91 7.14 5.11 -7.24
N ILE B 92 8.10 5.73 -6.55
CA ILE B 92 8.29 7.19 -6.63
C ILE B 92 9.76 7.57 -6.79
N LYS B 93 10.02 8.84 -7.08
CA LYS B 93 11.41 9.28 -7.30
C LYS B 93 11.88 10.22 -6.21
N TYR B 94 10.97 11.04 -5.71
CA TYR B 94 11.27 11.98 -4.63
C TYR B 94 10.03 12.15 -3.78
N PRO B 95 10.16 12.82 -2.61
CA PRO B 95 8.98 12.96 -1.76
C PRO B 95 7.79 13.52 -2.51
N VAL B 96 6.64 12.99 -2.13
CA VAL B 96 5.39 13.21 -2.82
C VAL B 96 4.62 14.43 -2.25
N VAL B 97 4.05 15.23 -3.13
CA VAL B 97 3.14 16.31 -2.76
C VAL B 97 1.77 15.65 -2.71
N TYR B 98 0.96 15.93 -1.70
CA TYR B 98 -0.32 15.23 -1.54
C TYR B 98 -1.35 15.79 -2.51
N ASP B 99 -1.22 17.08 -2.78
CA ASP B 99 -2.18 17.82 -3.57
C ASP B 99 -1.69 17.99 -4.99
N GLU B 100 -2.33 17.28 -5.91
CA GLU B 100 -1.93 17.22 -7.31
C GLU B 100 -1.88 18.60 -8.01
N ASN B 101 -2.87 19.44 -7.77
CA ASN B 101 -2.89 20.79 -8.32
C ASN B 101 -1.77 21.66 -7.75
N LEU B 102 -1.51 21.51 -6.44
CA LEU B 102 -0.40 22.20 -5.83
C LEU B 102 0.90 21.77 -6.48
N GLU B 103 1.08 20.47 -6.68
CA GLU B 103 2.28 20.01 -7.37
C GLU B 103 2.40 20.67 -8.76
N ASN B 104 1.32 20.62 -9.55
CA ASN B 104 1.37 21.21 -10.89
C ASN B 104 1.75 22.71 -10.84
N LEU B 105 1.19 23.43 -9.88
CA LEU B 105 1.47 24.85 -9.73
C LEU B 105 2.98 25.11 -9.59
N ALA B 106 3.65 24.24 -8.86
CA ALA B 106 5.09 24.35 -8.65
C ALA B 106 5.86 24.48 -9.95
N PHE B 107 5.29 23.96 -11.04
CA PHE B 107 6.00 23.91 -12.31
C PHE B 107 5.48 24.88 -13.37
N MET B 108 4.74 25.90 -12.92
CA MET B 108 4.17 26.90 -13.81
C MET B 108 4.85 28.28 -13.71
N HIS B 109 5.29 28.81 -14.86
CA HIS B 109 6.01 30.10 -14.91
C HIS B 109 5.10 31.27 -15.23
N LYS B 110 5.67 32.47 -15.11
CA LYS B 110 5.00 33.69 -15.57
C LYS B 110 5.81 34.37 -16.66
N ASP B 121 -6.55 38.87 -12.08
CA ASP B 121 -5.32 39.48 -11.56
C ASP B 121 -4.87 38.75 -10.29
N ALA B 122 -5.75 38.68 -9.31
CA ALA B 122 -5.50 37.90 -8.11
C ALA B 122 -5.48 36.43 -8.48
N GLN B 123 -6.12 36.11 -9.60
CA GLN B 123 -6.15 34.75 -10.12
C GLN B 123 -4.88 34.44 -10.89
N LYS B 124 -4.23 35.47 -11.41
CA LYS B 124 -2.93 35.30 -12.06
C LYS B 124 -1.96 34.73 -11.03
N THR B 125 -2.04 35.30 -9.83
CA THR B 125 -1.24 34.89 -8.68
C THR B 125 -1.33 33.37 -8.41
N GLN B 126 -2.49 32.80 -8.74
CA GLN B 126 -2.73 31.38 -8.54
C GLN B 126 -2.32 30.55 -9.76
N LEU B 127 -1.68 31.18 -10.74
CA LEU B 127 -1.29 30.47 -11.96
C LEU B 127 0.18 30.64 -12.32
N SER B 128 1.00 30.75 -11.30
CA SER B 128 2.44 30.65 -11.45
C SER B 128 3.05 30.16 -10.14
N ASN B 129 4.27 29.67 -10.22
CA ASN B 129 4.92 29.10 -9.05
C ASN B 129 5.66 30.16 -8.24
N GLU B 130 5.40 31.45 -8.50
CA GLU B 130 6.21 32.51 -7.85
C GLU B 130 6.00 32.67 -6.33
N ARG B 131 4.77 32.50 -5.87
CA ARG B 131 4.53 32.51 -4.43
C ARG B 131 5.09 31.24 -3.77
N LEU B 132 4.94 30.08 -4.42
CA LEU B 132 5.50 28.82 -3.93
C LEU B 132 7.02 28.90 -3.88
N GLU B 133 7.61 29.57 -4.86
CA GLU B 133 9.05 29.73 -4.89
C GLU B 133 9.49 30.60 -3.73
N PHE B 134 8.72 31.65 -3.48
CA PHE B 134 8.96 32.51 -2.33
C PHE B 134 8.97 31.70 -1.03
N LEU B 135 7.96 30.85 -0.84
CA LEU B 135 7.84 30.02 0.37
C LEU B 135 8.95 28.98 0.45
N GLY B 136 9.17 28.27 -0.65
CA GLY B 136 10.10 27.17 -0.67
C GLY B 136 11.53 27.62 -0.51
N ASP B 137 11.83 28.81 -1.05
CA ASP B 137 13.16 29.40 -0.87
C ASP B 137 13.46 29.52 0.61
N SER B 138 12.53 30.12 1.33
CA SER B 138 12.61 30.25 2.77
C SER B 138 12.84 28.90 3.49
N TRP B 139 11.99 27.93 3.17
CA TRP B 139 11.99 26.65 3.87
C TRP B 139 13.16 25.76 3.48
N LEU B 140 13.59 25.84 2.22
CA LEU B 140 14.82 25.22 1.82
C LEU B 140 15.95 25.75 2.69
N GLY B 141 15.95 27.06 2.93
CA GLY B 141 16.97 27.66 3.77
C GLY B 141 16.88 27.16 5.20
N ALA B 142 15.67 27.10 5.72
CA ALA B 142 15.50 26.67 7.09
C ALA B 142 15.91 25.21 7.29
N LEU B 143 15.53 24.35 6.36
CA LEU B 143 15.80 22.92 6.50
C LEU B 143 17.29 22.63 6.35
N VAL B 144 17.91 23.29 5.39
CA VAL B 144 19.35 23.16 5.22
C VAL B 144 20.10 23.72 6.46
N SER B 145 19.64 24.85 6.99
CA SER B 145 20.25 25.38 8.20
C SER B 145 20.14 24.37 9.33
N TYR B 146 19.00 23.71 9.41
CA TYR B 146 18.80 22.70 10.45
C TYR B 146 19.71 21.50 10.18
N ILE B 147 19.83 21.10 8.92
CA ILE B 147 20.72 20.00 8.56
C ILE B 147 22.18 20.28 8.98
N VAL B 148 22.70 21.46 8.67
CA VAL B 148 24.11 21.74 8.98
C VAL B 148 24.34 21.95 10.48
N TYR B 149 23.43 22.66 11.12
CA TYR B 149 23.52 22.87 12.55
C TYR B 149 23.67 21.54 13.30
N THR B 150 22.78 20.59 13.01
CA THR B 150 22.75 19.31 13.72
C THR B 150 23.87 18.37 13.28
N ARG B 151 24.20 18.43 11.99
CA ARG B 151 25.24 17.59 11.42
C ARG B 151 26.65 17.99 11.89
N PHE B 152 26.86 19.30 12.10
CA PHE B 152 28.19 19.80 12.49
C PHE B 152 28.12 20.64 13.75
N PRO B 153 27.98 19.99 14.92
CA PRO B 153 27.70 20.71 16.18
C PRO B 153 28.83 21.64 16.65
N SER B 154 30.02 21.51 16.07
CA SER B 154 31.18 22.28 16.50
C SER B 154 31.57 23.31 15.47
N ALA B 155 30.78 23.44 14.42
CA ALA B 155 31.00 24.51 13.45
C ALA B 155 30.47 25.82 14.00
N ASN B 156 31.04 26.93 13.54
CA ASN B 156 30.55 28.27 13.92
C ASN B 156 29.68 28.86 12.82
N GLU B 157 29.03 29.98 13.12
CA GLU B 157 28.13 30.61 12.17
C GLU B 157 28.78 30.73 10.80
N GLY B 158 30.03 31.17 10.78
CA GLY B 158 30.74 31.36 9.52
C GLY B 158 30.76 30.08 8.70
N MET B 159 31.08 28.97 9.35
CA MET B 159 31.14 27.68 8.67
C MET B 159 29.75 27.18 8.24
N LEU B 160 28.77 27.34 9.13
CA LEU B 160 27.40 26.92 8.83
C LEU B 160 26.87 27.64 7.58
N SER B 161 27.02 28.96 7.54
CA SER B 161 26.63 29.79 6.38
C SER B 161 27.27 29.35 5.08
N GLN B 162 28.53 28.97 5.16
CA GLN B 162 29.29 28.63 3.98
C GLN B 162 28.84 27.28 3.43
N MET B 163 28.64 26.35 4.35
CA MET B 163 28.10 25.04 3.99
C MET B 163 26.71 25.21 3.37
N LYS B 164 25.87 26.02 4.00
CA LYS B 164 24.51 26.23 3.54
C LYS B 164 24.47 26.92 2.19
N GLU B 165 25.30 27.94 2.02
CA GLU B 165 25.36 28.69 0.76
C GLU B 165 25.76 27.79 -0.40
N SER B 166 26.69 26.88 -0.14
CA SER B 166 27.14 25.96 -1.17
C SER B 166 26.04 25.00 -1.61
N ILE B 167 24.94 24.95 -0.86
CA ILE B 167 23.86 24.03 -1.17
C ILE B 167 22.67 24.73 -1.79
N VAL B 168 22.35 25.93 -1.27
CA VAL B 168 21.12 26.59 -1.67
C VAL B 168 21.27 27.58 -2.83
N ASN B 169 22.49 27.76 -3.32
CA ASN B 169 22.72 28.69 -4.44
C ASN B 169 22.12 28.17 -5.75
N ASN B 170 21.77 29.11 -6.62
CA ASN B 170 21.10 28.78 -7.86
C ASN B 170 21.85 27.77 -8.72
N ASN B 171 23.17 27.79 -8.67
CA ASN B 171 23.95 26.84 -9.45
C ASN B 171 23.67 25.42 -9.01
N ASN B 172 23.77 25.18 -7.71
CA ASN B 172 23.53 23.85 -7.18
C ASN B 172 22.08 23.41 -7.37
N LEU B 173 21.15 24.34 -7.17
CA LEU B 173 19.74 24.04 -7.36
C LEU B 173 19.48 23.61 -8.79
N PHE B 174 20.21 24.20 -9.72
CA PHE B 174 20.07 23.82 -11.13
C PHE B 174 20.47 22.36 -11.37
N ASP B 175 21.56 21.93 -10.72
CA ASP B 175 21.97 20.53 -10.79
C ASP B 175 20.96 19.56 -10.17
N TRP B 176 20.28 19.99 -9.11
CA TRP B 176 19.21 19.18 -8.54
C TRP B 176 18.09 19.02 -9.53
N SER B 177 17.67 20.12 -10.16
CA SER B 177 16.55 20.07 -11.10
C SER B 177 16.89 19.11 -12.22
N THR B 178 18.17 19.04 -12.58
CA THR B 178 18.61 18.09 -13.58
C THR B 178 18.46 16.67 -13.07
N LYS B 179 19.04 16.39 -11.91
CA LYS B 179 18.97 15.05 -11.34
C LYS B 179 17.52 14.58 -11.11
N LEU B 180 16.65 15.50 -10.72
CA LEU B 180 15.25 15.17 -10.48
C LEU B 180 14.43 15.15 -11.77
N ASN B 181 15.05 15.51 -12.89
CA ASN B 181 14.36 15.61 -14.18
C ASN B 181 13.24 16.63 -14.20
N PHE B 182 13.42 17.71 -13.45
CA PHE B 182 12.47 18.82 -13.50
C PHE B 182 12.52 19.50 -14.85
N THR B 183 13.58 19.22 -15.59
CA THR B 183 13.73 19.79 -16.92
C THR B 183 12.56 19.32 -17.78
N LYS B 184 12.35 18.01 -17.83
CA LYS B 184 11.23 17.43 -18.55
C LYS B 184 9.88 17.97 -18.08
N ARG B 185 9.73 18.22 -16.78
CA ARG B 185 8.45 18.67 -16.24
C ARG B 185 8.07 20.10 -16.65
N LEU B 186 9.07 20.92 -16.96
CA LEU B 186 8.84 22.32 -17.33
C LEU B 186 8.47 22.49 -18.81
N GLN B 187 8.75 21.47 -19.61
CA GLN B 187 8.52 21.55 -21.05
C GLN B 187 7.03 21.51 -21.38
N GLY B 188 6.68 22.12 -22.50
CA GLY B 188 5.30 22.18 -22.94
C GLY B 188 5.16 22.22 -24.45
N ASN B 189 4.35 23.15 -24.94
CA ASN B 189 4.07 23.27 -26.37
C ASN B 189 5.28 23.84 -27.10
N ILE B 190 5.81 24.93 -26.55
CA ILE B 190 6.82 25.72 -27.22
C ILE B 190 8.24 25.21 -26.95
N ALA B 191 8.93 24.80 -28.02
CA ALA B 191 10.33 24.37 -27.96
C ALA B 191 11.26 25.55 -27.76
N ASP B 199 22.05 31.53 -18.10
CA ASP B 199 21.61 31.35 -16.73
C ASP B 199 20.18 31.86 -16.49
N LYS B 200 19.59 32.44 -17.53
CA LYS B 200 18.20 32.90 -17.45
C LYS B 200 17.26 31.69 -17.33
N MET B 201 17.29 30.82 -18.33
CA MET B 201 16.54 29.58 -18.28
C MET B 201 16.98 28.79 -17.07
N SER B 202 18.28 28.88 -16.77
CA SER B 202 18.88 28.18 -15.65
C SER B 202 18.25 28.56 -14.30
N LYS B 203 17.84 29.82 -14.17
CA LYS B 203 17.25 30.28 -12.92
C LYS B 203 15.81 29.77 -12.79
N ARG B 204 15.14 29.62 -13.91
CA ARG B 204 13.80 29.06 -13.93
C ARG B 204 13.76 27.65 -13.32
N TYR B 205 14.80 26.86 -13.58
CA TYR B 205 14.88 25.49 -13.04
C TYR B 205 15.08 25.51 -11.53
N ALA B 206 16.05 26.30 -11.08
CA ALA B 206 16.23 26.56 -9.65
C ALA B 206 14.92 26.98 -8.98
N ASP B 207 14.10 27.77 -9.70
CA ASP B 207 12.85 28.28 -9.13
C ASP B 207 11.86 27.14 -8.91
N CYS B 208 11.85 26.17 -9.82
CA CYS B 208 11.00 24.99 -9.70
C CYS B 208 11.35 24.18 -8.48
N VAL B 209 12.63 23.97 -8.25
CA VAL B 209 13.09 23.21 -7.10
C VAL B 209 12.55 23.87 -5.83
N GLU B 210 12.70 25.20 -5.74
CA GLU B 210 12.22 25.92 -4.56
C GLU B 210 10.70 25.86 -4.45
N ALA B 211 10.00 26.00 -5.57
CA ALA B 211 8.54 25.96 -5.55
C ALA B 211 8.02 24.59 -5.11
N TYR B 212 8.67 23.53 -5.58
CA TYR B 212 8.30 22.16 -5.23
C TYR B 212 8.51 21.95 -3.72
N ILE B 213 9.61 22.46 -3.19
CA ILE B 213 9.85 22.40 -1.76
C ILE B 213 8.73 23.15 -1.03
N GLY B 214 8.34 24.30 -1.59
CA GLY B 214 7.20 25.05 -1.09
C GLY B 214 5.92 24.25 -1.05
N ALA B 215 5.64 23.49 -2.11
CA ALA B 215 4.43 22.68 -2.15
C ALA B 215 4.47 21.53 -1.10
N LEU B 216 5.62 20.87 -0.98
CA LEU B 216 5.82 19.87 0.07
C LEU B 216 5.51 20.42 1.46
N VAL B 217 5.99 21.64 1.72
CA VAL B 217 5.81 22.30 3.02
C VAL B 217 4.35 22.62 3.29
N ILE B 218 3.66 23.14 2.29
CA ILE B 218 2.24 23.45 2.40
C ILE B 218 1.46 22.22 2.83
N ASP B 219 1.77 21.10 2.18
CA ASP B 219 1.07 19.85 2.46
C ASP B 219 1.38 19.23 3.82
N ARG B 220 2.57 19.48 4.35
CA ARG B 220 3.04 18.85 5.59
C ARG B 220 2.86 19.72 6.84
N PHE B 221 2.77 21.04 6.66
CA PHE B 221 2.70 21.94 7.81
C PHE B 221 1.51 21.59 8.67
N GLY B 222 1.79 21.24 9.92
CA GLY B 222 0.76 20.75 10.82
C GLY B 222 0.87 21.47 12.15
N THR B 223 1.09 20.73 13.22
CA THR B 223 1.06 21.34 14.54
C THR B 223 2.44 21.37 15.19
N GLU B 224 3.40 20.74 14.55
CA GLU B 224 4.75 20.65 15.12
C GLU B 224 5.35 22.03 15.49
N PHE B 225 5.15 23.05 14.66
CA PHE B 225 5.68 24.38 14.96
C PHE B 225 4.57 25.40 15.14
N LEU B 226 3.37 24.90 15.44
CA LEU B 226 2.19 25.73 15.48
C LEU B 226 2.26 26.76 16.59
N ASP B 227 2.82 26.38 17.74
CA ASP B 227 2.85 27.33 18.85
C ASP B 227 3.79 28.50 18.52
N ILE B 228 4.90 28.20 17.85
CA ILE B 228 5.79 29.25 17.39
C ILE B 228 5.10 30.15 16.36
N LYS B 229 4.57 29.52 15.33
CA LYS B 229 3.89 30.23 14.25
C LYS B 229 2.82 31.19 14.78
N GLU B 230 1.99 30.71 15.70
CA GLU B 230 0.92 31.54 16.23
C GLU B 230 1.46 32.70 17.06
N TRP B 231 2.57 32.46 17.74
CA TRP B 231 3.22 33.50 18.53
C TRP B 231 3.78 34.58 17.62
N LEU B 232 4.50 34.18 16.58
CA LEU B 232 5.03 35.12 15.59
C LEU B 232 3.93 35.95 14.94
N GLU B 233 2.81 35.31 14.64
CA GLU B 233 1.70 36.01 14.02
C GLU B 233 1.13 37.04 14.99
N GLU B 234 1.09 36.68 16.27
CA GLU B 234 0.59 37.59 17.29
C GLU B 234 1.50 38.83 17.40
N LEU B 235 2.81 38.61 17.46
CA LEU B 235 3.75 39.72 17.55
C LEU B 235 3.73 40.55 16.26
N SER B 236 3.25 39.94 15.20
CA SER B 236 3.35 40.53 13.86
C SER B 236 2.10 41.29 13.48
N GLU B 237 1.07 41.15 14.31
CA GLU B 237 -0.27 41.57 13.93
C GLU B 237 -0.34 43.03 13.44
N LYS B 238 0.37 43.92 14.12
CA LYS B 238 0.31 45.32 13.71
C LYS B 238 0.88 45.50 12.31
N LYS B 239 2.03 44.87 12.07
CA LYS B 239 2.64 44.93 10.75
C LYS B 239 1.80 44.25 9.65
N LEU B 240 0.93 43.32 10.03
CA LEU B 240 0.13 42.56 9.05
C LEU B 240 -1.23 43.19 8.77
N ALA B 241 -1.80 43.82 9.77
CA ALA B 241 -3.17 44.34 9.68
C ALA B 241 -3.27 45.57 8.78
N LYS B 242 -2.13 46.12 8.40
CA LYS B 242 -2.11 47.30 7.54
C LYS B 242 -2.83 47.06 6.23
N PRO B 251 -3.21 65.11 3.04
CA PRO B 251 -2.11 65.91 2.50
C PRO B 251 -1.90 67.19 3.30
N LEU B 252 -1.47 68.26 2.64
CA LEU B 252 -1.36 69.56 3.28
C LEU B 252 -1.43 70.69 2.26
N ASN B 253 -2.06 71.79 2.65
CA ASN B 253 -2.15 72.98 1.82
C ASN B 253 -1.47 74.15 2.52
N LYS B 254 -0.35 74.60 1.98
CA LYS B 254 0.37 75.74 2.55
C LYS B 254 -0.29 77.05 2.16
N ASN B 255 -1.11 77.00 1.11
CA ASN B 255 -1.94 78.14 0.74
C ASN B 255 -3.33 77.97 1.35
N ALA B 256 -3.39 77.38 2.55
CA ALA B 256 -4.66 77.18 3.24
C ALA B 256 -5.00 78.37 4.11
N LYS B 257 -4.12 78.68 5.06
CA LYS B 257 -4.30 79.81 5.96
C LYS B 257 -4.56 81.12 5.18
N ASN B 258 -3.86 81.28 4.05
CA ASN B 258 -4.00 82.48 3.24
C ASN B 258 -5.23 82.45 2.33
N GLU B 259 -5.62 81.26 1.87
CA GLU B 259 -6.81 81.14 1.06
C GLU B 259 -8.06 81.27 1.91
N LEU B 260 -7.90 81.05 3.22
CA LEU B 260 -8.95 81.33 4.19
C LEU B 260 -9.10 82.83 4.36
N ALA B 261 -7.97 83.50 4.61
CA ALA B 261 -7.95 84.95 4.82
C ALA B 261 -8.64 85.72 3.70
N GLU B 262 -8.44 85.28 2.45
CA GLU B 262 -9.03 85.95 1.31
C GLU B 262 -10.55 85.92 1.46
N LEU B 263 -11.05 84.82 2.01
CA LEU B 263 -12.50 84.61 2.11
C LEU B 263 -13.10 85.18 3.41
N LEU B 264 -12.35 85.10 4.51
CA LEU B 264 -12.93 85.34 5.84
C LEU B 264 -12.35 86.48 6.66
N GLN B 265 -11.15 86.95 6.30
CA GLN B 265 -10.52 88.05 7.02
C GLN B 265 -11.46 89.25 7.14
N ILE B 266 -12.06 89.64 6.02
CA ILE B 266 -13.18 90.55 6.05
C ILE B 266 -14.43 89.69 5.96
N ASN B 267 -15.28 89.77 6.97
CA ASN B 267 -16.42 88.87 7.05
C ASN B 267 -17.71 89.57 7.41
N LYS B 268 -18.81 88.81 7.37
CA LYS B 268 -20.13 89.41 7.53
C LYS B 268 -20.43 89.72 8.98
N LEU B 269 -19.61 89.17 9.88
CA LEU B 269 -19.74 89.46 11.30
C LEU B 269 -18.98 90.73 11.67
N GLY B 270 -17.95 91.06 10.89
CA GLY B 270 -17.10 92.19 11.21
C GLY B 270 -16.15 91.84 12.35
N HIS B 271 -15.98 90.55 12.62
CA HIS B 271 -15.13 90.12 13.73
C HIS B 271 -13.85 89.50 13.23
N LYS B 272 -12.91 89.31 14.16
CA LYS B 272 -11.55 88.95 13.78
C LYS B 272 -11.42 87.46 13.46
N LEU B 273 -10.95 87.18 12.26
CA LEU B 273 -10.51 85.84 11.91
C LEU B 273 -9.15 85.57 12.58
N HIS B 274 -9.10 84.58 13.46
CA HIS B 274 -7.85 84.23 14.13
C HIS B 274 -7.74 82.74 14.43
N TYR B 275 -6.56 82.36 14.93
CA TYR B 275 -6.29 80.99 15.30
C TYR B 275 -5.93 80.94 16.78
N ARG B 276 -6.41 79.90 17.45
CA ARG B 276 -6.20 79.78 18.88
C ARG B 276 -5.56 78.42 19.19
N LYS B 277 -4.51 78.44 20.02
CA LYS B 277 -3.80 77.21 20.37
C LYS B 277 -4.31 76.61 21.69
N LEU B 278 -4.56 75.31 21.68
CA LEU B 278 -5.12 74.61 22.83
C LEU B 278 -4.07 73.74 23.54
N THR B 279 -3.30 73.00 22.77
CA THR B 279 -2.22 72.18 23.32
C THR B 279 -0.87 72.79 22.97
N GLU B 280 -0.18 73.34 23.97
CA GLU B 280 1.10 74.01 23.72
C GLU B 280 2.25 73.01 23.59
N MET B 281 1.99 71.75 23.89
CA MET B 281 2.99 70.69 23.72
C MET B 281 2.76 69.95 22.39
N PRO B 282 3.79 69.25 21.89
CA PRO B 282 3.82 68.57 20.58
C PRO B 282 2.49 68.07 20.02
N PRO B 283 1.60 67.51 20.85
CA PRO B 283 0.26 67.19 20.33
C PRO B 283 -0.62 68.43 20.16
N PHE B 284 -0.16 69.38 19.32
CA PHE B 284 -0.80 70.68 19.19
C PHE B 284 -2.25 70.64 18.71
N ARG B 285 -3.08 71.49 19.29
CA ARG B 285 -4.46 71.68 18.86
C ARG B 285 -4.72 73.16 18.57
N VAL B 286 -5.28 73.46 17.40
CA VAL B 286 -5.60 74.85 17.07
C VAL B 286 -7.04 75.02 16.57
N GLU B 287 -7.69 76.10 17.02
CA GLU B 287 -9.01 76.46 16.55
C GLU B 287 -8.93 77.61 15.56
N VAL B 288 -9.62 77.49 14.42
CA VAL B 288 -9.89 78.66 13.58
C VAL B 288 -11.17 79.33 14.09
N LYS B 289 -11.13 80.64 14.24
CA LYS B 289 -12.29 81.34 14.78
C LYS B 289 -12.57 82.66 14.07
N ILE B 290 -13.81 83.10 14.16
CA ILE B 290 -14.18 84.47 13.84
C ILE B 290 -14.79 84.99 15.13
N GLY B 291 -14.07 85.89 15.81
CA GLY B 291 -14.50 86.34 17.12
C GLY B 291 -14.63 85.14 18.05
N ASP B 292 -15.77 85.04 18.74
CA ASP B 292 -16.04 83.95 19.68
C ASP B 292 -16.56 82.69 18.99
N ILE B 293 -16.83 82.80 17.69
CA ILE B 293 -17.40 81.69 16.94
C ILE B 293 -16.34 80.73 16.43
N LEU B 294 -16.55 79.46 16.76
CA LEU B 294 -15.66 78.38 16.35
C LEU B 294 -15.99 77.93 14.93
N LEU B 295 -15.01 78.04 14.04
CA LEU B 295 -15.16 77.54 12.68
C LEU B 295 -14.78 76.05 12.64
N ASP B 296 -13.54 75.77 12.99
CA ASP B 296 -13.08 74.39 13.10
C ASP B 296 -11.79 74.26 13.91
N GLU B 297 -11.29 73.03 13.99
CA GLU B 297 -10.07 72.75 14.73
C GLU B 297 -9.27 71.65 14.06
N ALA B 298 -7.98 71.60 14.34
CA ALA B 298 -7.12 70.56 13.81
C ALA B 298 -5.97 70.31 14.78
N GLU B 299 -5.73 69.04 15.07
CA GLU B 299 -4.65 68.65 15.96
C GLU B 299 -3.38 68.40 15.14
N GLY B 300 -2.63 69.47 14.91
CA GLY B 300 -1.43 69.36 14.10
C GLY B 300 -0.19 69.07 14.93
N ASN B 301 0.90 68.75 14.24
CA ASN B 301 2.18 68.48 14.90
C ASN B 301 2.83 69.77 15.37
N SER B 302 3.16 70.63 14.42
CA SER B 302 3.66 71.96 14.74
C SER B 302 2.51 72.95 14.62
N ILE B 303 2.52 73.97 15.48
CA ILE B 303 1.46 74.97 15.49
C ILE B 303 1.01 75.40 14.10
N ARG B 304 1.98 75.63 13.21
CA ARG B 304 1.69 76.19 11.89
C ARG B 304 1.09 75.19 10.91
N GLU B 305 1.25 73.90 11.22
CA GLU B 305 0.67 72.86 10.38
C GLU B 305 -0.78 72.58 10.80
N ALA B 306 -1.03 72.65 12.10
CA ALA B 306 -2.39 72.54 12.63
C ALA B 306 -3.25 73.64 12.04
N GLU B 307 -2.80 74.89 12.22
CA GLU B 307 -3.49 76.06 11.67
C GLU B 307 -3.85 75.87 10.20
N HIS B 308 -2.94 75.31 9.42
CA HIS B 308 -3.19 75.08 8.00
C HIS B 308 -4.23 73.98 7.79
N ARG B 309 -4.15 72.91 8.56
CA ARG B 309 -5.09 71.80 8.43
C ARG B 309 -6.46 72.19 9.00
N ALA B 310 -6.46 73.01 10.03
CA ALA B 310 -7.70 73.53 10.58
C ALA B 310 -8.38 74.40 9.53
N ALA B 311 -7.60 75.25 8.86
CA ALA B 311 -8.10 76.04 7.74
C ALA B 311 -8.65 75.12 6.66
N MET B 312 -7.90 74.06 6.37
CA MET B 312 -8.30 73.08 5.36
C MET B 312 -9.75 72.62 5.54
N LYS B 313 -10.10 72.32 6.79
CA LYS B 313 -11.44 71.85 7.11
C LYS B 313 -12.49 72.91 6.78
N VAL B 314 -12.20 74.16 7.08
CA VAL B 314 -13.14 75.25 6.84
C VAL B 314 -13.24 75.51 5.34
N LEU B 315 -12.11 75.40 4.66
CA LEU B 315 -12.04 75.66 3.23
C LEU B 315 -12.94 74.71 2.45
N GLU B 316 -13.24 73.57 3.06
CA GLU B 316 -14.09 72.55 2.44
C GLU B 316 -15.56 72.74 2.80
N ASN B 317 -15.80 73.35 3.96
CA ASN B 317 -17.15 73.55 4.46
C ASN B 317 -17.89 74.67 3.74
N ASP B 318 -18.53 74.33 2.62
CA ASP B 318 -19.18 75.32 1.77
C ASP B 318 -20.23 76.17 2.51
N GLU B 319 -20.91 75.57 3.47
CA GLU B 319 -21.98 76.28 4.18
C GLU B 319 -21.44 77.37 5.12
N LEU B 320 -20.32 77.08 5.78
CA LEU B 320 -19.67 78.07 6.64
C LEU B 320 -19.23 79.27 5.81
N LEU B 321 -18.51 78.98 4.73
CA LEU B 321 -17.98 80.02 3.86
C LEU B 321 -19.10 80.91 3.35
N ARG B 322 -20.22 80.31 2.96
CA ARG B 322 -21.34 81.12 2.48
C ARG B 322 -21.90 82.00 3.59
N LYS B 323 -21.91 81.46 4.80
CA LYS B 323 -22.48 82.16 5.95
C LYS B 323 -21.66 83.39 6.36
N TYR B 324 -20.34 83.26 6.39
CA TYR B 324 -19.47 84.36 6.83
C TYR B 324 -18.76 85.17 5.75
N SER B 325 -18.47 84.56 4.60
CA SER B 325 -17.77 85.28 3.53
C SER B 325 -18.57 86.46 2.99
N VAL B 326 -17.87 87.50 2.58
CA VAL B 326 -18.51 88.70 2.06
C VAL B 326 -18.99 88.50 0.62
N TYR B 327 -18.13 87.91 -0.20
CA TYR B 327 -18.45 87.65 -1.61
C TYR B 327 -19.33 86.41 -1.77
N ASP B 328 -19.42 85.89 -2.98
CA ASP B 328 -20.28 84.74 -3.26
C ASP B 328 -19.67 83.75 -4.24
N LEU B 329 -19.36 82.55 -3.76
CA LEU B 329 -18.86 81.47 -4.63
C LEU B 329 -19.68 80.20 -4.46
N SER C 1 14.05 -25.17 3.43
CA SER C 1 13.70 -23.75 3.39
C SER C 1 13.82 -23.15 1.99
N ASN C 2 14.95 -23.35 1.33
CA ASN C 2 14.97 -23.16 -0.11
C ASN C 2 14.08 -24.22 -0.72
N GLU C 3 14.14 -25.40 -0.14
CA GLU C 3 13.33 -26.54 -0.52
C GLU C 3 11.85 -26.19 -0.46
N LEU C 4 11.45 -25.62 0.67
CA LEU C 4 10.09 -25.20 0.88
C LEU C 4 9.62 -24.13 -0.13
N LYS C 5 10.44 -23.11 -0.37
CA LYS C 5 10.04 -22.02 -1.27
C LYS C 5 9.73 -22.53 -2.67
N VAL C 6 10.51 -23.50 -3.12
CA VAL C 6 10.38 -24.05 -4.45
C VAL C 6 9.15 -24.96 -4.53
N ARG C 7 8.96 -25.79 -3.52
CA ARG C 7 7.78 -26.64 -3.46
C ARG C 7 6.52 -25.80 -3.45
N GLU C 8 6.51 -24.77 -2.60
CA GLU C 8 5.39 -23.85 -2.55
C GLU C 8 5.22 -23.06 -3.85
N PHE C 9 6.33 -22.76 -4.52
CA PHE C 9 6.24 -22.07 -5.81
C PHE C 9 5.45 -22.88 -6.84
N TYR C 10 5.75 -24.17 -6.95
CA TYR C 10 5.06 -24.99 -7.93
C TYR C 10 3.64 -25.29 -7.49
N ARG C 11 3.40 -25.38 -6.19
CA ARG C 11 2.01 -25.45 -5.75
C ARG C 11 1.26 -24.19 -6.23
N LEU C 12 1.89 -23.02 -6.11
CA LEU C 12 1.25 -21.76 -6.48
C LEU C 12 1.10 -21.63 -8.00
N HIS C 13 2.15 -21.96 -8.73
CA HIS C 13 2.11 -21.84 -10.17
C HIS C 13 1.03 -22.74 -10.75
N ASN C 14 0.97 -23.98 -10.27
CA ASN C 14 -0.04 -24.90 -10.77
C ASN C 14 -1.46 -24.45 -10.41
N ALA C 15 -1.61 -23.76 -9.29
CA ALA C 15 -2.92 -23.22 -8.94
C ALA C 15 -3.28 -22.06 -9.88
N CYS C 16 -2.30 -21.20 -10.19
CA CYS C 16 -2.47 -20.13 -11.17
C CYS C 16 -2.81 -20.67 -12.56
N VAL C 17 -2.18 -21.77 -12.97
CA VAL C 17 -2.45 -22.36 -14.27
C VAL C 17 -3.91 -22.81 -14.35
N LYS C 18 -4.35 -23.51 -13.31
CA LYS C 18 -5.75 -23.95 -13.21
C LYS C 18 -6.74 -22.76 -13.14
N LEU C 19 -6.39 -21.70 -12.42
CA LEU C 19 -7.28 -20.55 -12.32
C LEU C 19 -7.43 -19.86 -13.68
N LYS C 20 -6.31 -19.72 -14.40
CA LYS C 20 -6.34 -19.15 -15.74
C LYS C 20 -7.24 -19.96 -16.68
N GLU C 21 -7.07 -21.28 -16.67
CA GLU C 21 -7.87 -22.16 -17.52
C GLU C 21 -9.37 -22.06 -17.18
N SER C 22 -9.69 -22.09 -15.90
CA SER C 22 -11.06 -22.05 -15.43
C SER C 22 -11.76 -20.73 -15.77
N ILE C 23 -11.09 -19.60 -15.52
CA ILE C 23 -11.74 -18.31 -15.70
C ILE C 23 -12.03 -18.12 -17.19
N LYS C 24 -11.15 -18.62 -18.04
CA LYS C 24 -11.40 -18.53 -19.45
C LYS C 24 -12.68 -19.31 -19.81
N LEU C 25 -12.85 -20.50 -19.26
CA LEU C 25 -14.06 -21.28 -19.51
C LEU C 25 -15.28 -20.53 -18.98
N ILE C 26 -15.13 -19.92 -17.81
CA ILE C 26 -16.25 -19.21 -17.20
C ILE C 26 -16.65 -17.98 -18.03
N TYR C 27 -15.67 -17.13 -18.34
CA TYR C 27 -15.92 -15.91 -19.11
C TYR C 27 -16.60 -16.18 -20.45
N GLU C 28 -16.37 -17.37 -21.01
CA GLU C 28 -16.77 -17.65 -22.38
C GLU C 28 -17.86 -18.70 -22.51
N ASN C 29 -18.43 -19.13 -21.38
CA ASN C 29 -19.49 -20.13 -21.46
C ASN C 29 -20.75 -19.53 -22.05
N PRO C 30 -21.40 -20.26 -22.97
CA PRO C 30 -22.60 -19.78 -23.66
C PRO C 30 -23.74 -19.39 -22.71
N LEU C 31 -23.86 -20.07 -21.57
CA LEU C 31 -24.93 -19.75 -20.62
C LEU C 31 -24.74 -18.37 -19.98
N VAL C 32 -23.51 -17.87 -19.96
CA VAL C 32 -23.24 -16.59 -19.30
C VAL C 32 -23.02 -15.50 -20.34
N THR C 33 -22.59 -15.91 -21.52
CA THR C 33 -22.26 -14.97 -22.58
C THR C 33 -23.51 -14.44 -23.29
N ASP C 34 -23.47 -13.15 -23.62
CA ASP C 34 -24.63 -12.44 -24.21
C ASP C 34 -25.21 -13.18 -25.41
N GLN C 35 -26.16 -14.07 -25.15
CA GLN C 35 -26.81 -14.80 -26.23
C GLN C 35 -28.29 -15.00 -25.99
N ASN C 36 -28.70 -15.03 -24.73
CA ASN C 36 -30.09 -15.31 -24.40
C ASN C 36 -30.48 -16.71 -24.83
N VAL C 37 -29.50 -17.61 -24.80
CA VAL C 37 -29.75 -19.02 -25.10
C VAL C 37 -30.66 -19.59 -24.02
N LEU C 38 -30.71 -18.90 -22.88
CA LEU C 38 -31.49 -19.33 -21.73
C LEU C 38 -32.80 -18.55 -21.65
N ASN C 39 -33.92 -19.25 -21.79
CA ASN C 39 -35.22 -18.59 -21.77
C ASN C 39 -35.70 -18.28 -20.35
N LEU C 40 -36.28 -17.10 -20.16
CA LEU C 40 -36.76 -16.67 -18.85
C LEU C 40 -38.27 -16.87 -18.66
N GLY C 41 -38.72 -16.73 -17.43
CA GLY C 41 -40.13 -16.81 -17.10
C GLY C 41 -40.75 -18.19 -17.27
N THR C 42 -39.93 -19.19 -17.59
CA THR C 42 -40.44 -20.54 -17.82
C THR C 42 -40.90 -21.19 -16.51
N ALA C 43 -41.69 -22.26 -16.62
CA ALA C 43 -42.23 -22.95 -15.46
C ALA C 43 -41.14 -23.24 -14.43
N GLU C 44 -41.55 -23.35 -13.16
CA GLU C 44 -40.59 -23.52 -12.06
C GLU C 44 -39.74 -24.79 -12.16
N ASN C 45 -40.17 -25.74 -13.00
CA ASN C 45 -39.40 -26.98 -13.14
C ASN C 45 -38.72 -27.16 -14.49
N THR C 46 -38.76 -26.12 -15.33
CA THR C 46 -38.01 -26.12 -16.57
C THR C 46 -36.53 -26.29 -16.28
N ILE C 47 -35.79 -26.72 -17.29
CA ILE C 47 -34.34 -26.72 -17.21
C ILE C 47 -33.82 -25.28 -17.19
N ASP C 48 -34.49 -24.38 -17.91
CA ASP C 48 -34.04 -22.99 -17.97
C ASP C 48 -34.18 -22.30 -16.62
N TYR C 49 -35.35 -22.44 -16.01
CA TYR C 49 -35.54 -21.87 -14.70
C TYR C 49 -34.52 -22.43 -13.70
N THR C 50 -34.29 -23.75 -13.75
CA THR C 50 -33.44 -24.38 -12.76
C THR C 50 -32.02 -23.80 -12.88
N ILE C 51 -31.51 -23.79 -14.11
CA ILE C 51 -30.16 -23.30 -14.39
C ILE C 51 -29.99 -21.84 -13.97
N LEU C 52 -30.98 -21.02 -14.27
CA LEU C 52 -30.91 -19.60 -13.94
C LEU C 52 -30.85 -19.32 -12.43
N ASN C 53 -31.34 -20.27 -11.62
CA ASN C 53 -31.37 -20.08 -10.17
C ASN C 53 -30.29 -20.85 -9.43
N THR C 54 -29.29 -21.33 -10.16
CA THR C 54 -28.23 -22.08 -9.51
C THR C 54 -27.17 -21.11 -8.97
N PRO C 55 -26.54 -21.49 -7.85
CA PRO C 55 -25.33 -20.82 -7.37
C PRO C 55 -24.34 -20.64 -8.52
N THR C 56 -24.20 -21.68 -9.34
CA THR C 56 -23.22 -21.72 -10.42
C THR C 56 -23.40 -20.54 -11.36
N LEU C 57 -24.61 -20.36 -11.86
CA LEU C 57 -24.87 -19.27 -12.80
C LEU C 57 -24.68 -17.89 -12.19
N ASN C 58 -25.04 -17.75 -10.93
CA ASN C 58 -24.92 -16.47 -10.23
C ASN C 58 -23.47 -16.08 -10.00
N VAL C 59 -22.69 -17.03 -9.52
CA VAL C 59 -21.26 -16.82 -9.39
C VAL C 59 -20.66 -16.38 -10.74
N ALA C 60 -20.93 -17.17 -11.78
CA ALA C 60 -20.37 -16.90 -13.10
C ALA C 60 -20.73 -15.51 -13.62
N LYS C 61 -21.98 -15.10 -13.45
CA LYS C 61 -22.41 -13.80 -13.91
C LYS C 61 -21.71 -12.68 -13.16
N THR C 62 -21.53 -12.86 -11.86
CA THR C 62 -20.83 -11.87 -11.08
C THR C 62 -19.38 -11.74 -11.55
N LEU C 63 -18.73 -12.88 -11.77
CA LEU C 63 -17.34 -12.88 -12.28
C LEU C 63 -17.22 -12.14 -13.60
N LEU C 64 -18.01 -12.55 -14.58
CA LEU C 64 -18.06 -11.87 -15.86
C LEU C 64 -18.41 -10.37 -15.73
N GLY C 65 -19.35 -10.04 -14.84
CA GLY C 65 -19.74 -8.65 -14.65
C GLY C 65 -18.69 -7.77 -13.96
N ASN C 66 -17.65 -8.39 -13.40
CA ASN C 66 -16.59 -7.63 -12.74
C ASN C 66 -15.36 -7.47 -13.63
N ARG C 67 -15.45 -7.96 -14.88
CA ARG C 67 -14.37 -7.80 -15.85
C ARG C 67 -13.89 -6.34 -15.96
N TYR C 68 -14.85 -5.40 -15.96
CA TYR C 68 -14.58 -3.97 -16.13
C TYR C 68 -13.68 -3.45 -15.02
N SER C 69 -13.79 -4.06 -13.85
CA SER C 69 -12.95 -3.67 -12.71
C SER C 69 -11.55 -4.31 -12.76
N LEU C 70 -11.52 -5.63 -12.90
CA LEU C 70 -10.26 -6.37 -13.09
C LEU C 70 -10.52 -7.62 -13.94
N ASP C 71 -9.97 -7.61 -15.14
CA ASP C 71 -10.19 -8.69 -16.09
C ASP C 71 -9.13 -9.77 -15.86
N LEU C 72 -9.56 -10.96 -15.44
CA LEU C 72 -8.61 -11.97 -14.98
C LEU C 72 -7.80 -12.61 -16.09
N ILE C 73 -8.35 -12.67 -17.29
CA ILE C 73 -7.61 -13.18 -18.44
C ILE C 73 -6.51 -12.22 -18.86
N ASP C 74 -6.78 -10.92 -18.82
CA ASP C 74 -5.77 -9.96 -19.24
C ASP C 74 -4.68 -9.89 -18.20
N LEU C 75 -5.04 -10.15 -16.96
CA LEU C 75 -4.08 -10.16 -15.87
C LEU C 75 -2.92 -11.10 -16.13
N PHE C 76 -3.21 -12.32 -16.61
CA PHE C 76 -2.16 -13.26 -16.98
C PHE C 76 -1.34 -12.79 -18.19
N GLN C 77 -2.03 -12.33 -19.23
CA GLN C 77 -1.34 -11.84 -20.42
C GLN C 77 -0.43 -10.64 -20.13
N SER C 78 -0.92 -9.65 -19.40
CA SER C 78 -0.12 -8.48 -19.01
C SER C 78 1.19 -8.85 -18.33
N HIS C 79 1.18 -9.91 -17.53
CA HIS C 79 2.41 -10.28 -16.80
C HIS C 79 3.26 -11.30 -17.56
N ASP C 80 2.89 -11.60 -18.80
CA ASP C 80 3.62 -12.60 -19.60
C ASP C 80 3.66 -13.98 -18.93
N PHE C 81 2.57 -14.36 -18.28
CA PHE C 81 2.48 -15.65 -17.62
C PHE C 81 2.55 -16.79 -18.64
N LYS C 82 3.33 -17.82 -18.31
CA LYS C 82 3.48 -19.01 -19.15
C LYS C 82 3.15 -20.24 -18.33
N ASP C 83 2.23 -21.08 -18.82
CA ASP C 83 1.83 -22.28 -18.10
C ASP C 83 2.92 -23.32 -17.88
N SER C 84 3.66 -23.62 -18.94
CA SER C 84 4.52 -24.81 -18.94
C SER C 84 5.96 -24.53 -18.57
N ASN C 85 6.36 -23.27 -18.61
CA ASN C 85 7.74 -22.91 -18.26
C ASN C 85 7.82 -21.73 -17.28
N THR C 86 8.74 -21.83 -16.32
CA THR C 86 9.02 -20.74 -15.40
C THR C 86 10.51 -20.68 -15.11
N ASP C 87 10.97 -19.52 -14.67
CA ASP C 87 12.37 -19.29 -14.31
C ASP C 87 12.80 -20.16 -13.13
N VAL C 88 11.84 -20.67 -12.37
CA VAL C 88 12.20 -21.50 -11.23
C VAL C 88 12.65 -22.88 -11.70
N ASP C 89 12.27 -23.25 -12.93
CA ASP C 89 12.60 -24.57 -13.46
C ASP C 89 14.10 -24.90 -13.40
N MET C 90 14.93 -23.87 -13.39
CA MET C 90 16.37 -24.08 -13.41
C MET C 90 16.88 -24.72 -12.11
N PHE C 91 16.08 -24.68 -11.06
CA PHE C 91 16.46 -25.29 -9.79
C PHE C 91 15.98 -26.73 -9.62
N ILE C 92 15.33 -27.28 -10.64
CA ILE C 92 14.79 -28.63 -10.53
C ILE C 92 15.16 -29.51 -11.72
N LYS C 93 15.00 -30.81 -11.52
CA LYS C 93 15.29 -31.78 -12.57
C LYS C 93 13.98 -32.38 -13.10
N TYR C 94 12.98 -32.48 -12.26
CA TYR C 94 11.71 -33.08 -12.68
C TYR C 94 10.57 -32.54 -11.83
N PRO C 95 9.32 -32.82 -12.23
CA PRO C 95 8.25 -32.17 -11.48
C PRO C 95 8.34 -32.45 -9.98
N VAL C 96 8.03 -31.42 -9.21
CA VAL C 96 8.24 -31.43 -7.80
C VAL C 96 7.05 -32.06 -7.08
N VAL C 97 7.35 -32.84 -6.04
CA VAL C 97 6.37 -33.27 -5.08
C VAL C 97 6.25 -32.15 -4.04
N TYR C 98 5.04 -31.75 -3.69
CA TYR C 98 4.86 -30.63 -2.77
C TYR C 98 5.25 -31.04 -1.35
N ASP C 99 4.73 -32.19 -0.92
CA ASP C 99 4.91 -32.68 0.44
C ASP C 99 6.16 -33.56 0.53
N GLU C 100 7.19 -33.11 1.22
CA GLU C 100 8.44 -33.87 1.20
C GLU C 100 8.41 -35.19 1.96
N ASN C 101 7.44 -35.37 2.85
CA ASN C 101 7.20 -36.68 3.46
C ASN C 101 6.83 -37.73 2.42
N LEU C 102 5.98 -37.31 1.49
CA LEU C 102 5.50 -38.18 0.43
C LEU C 102 6.65 -38.55 -0.51
N GLU C 103 7.53 -37.58 -0.79
CA GLU C 103 8.66 -37.81 -1.68
C GLU C 103 9.64 -38.81 -1.08
N ASN C 104 9.91 -38.68 0.22
CA ASN C 104 10.72 -39.69 0.91
C ASN C 104 10.06 -41.06 0.94
N LEU C 105 8.77 -41.08 1.25
CA LEU C 105 8.02 -42.33 1.25
C LEU C 105 8.15 -43.05 -0.09
N ALA C 106 8.27 -42.27 -1.17
CA ALA C 106 8.33 -42.82 -2.51
C ALA C 106 9.59 -43.63 -2.78
N PHE C 107 10.66 -43.37 -2.02
CA PHE C 107 11.92 -44.08 -2.25
C PHE C 107 12.24 -45.12 -1.15
N MET C 108 11.25 -45.43 -0.32
CA MET C 108 11.40 -46.47 0.69
C MET C 108 11.12 -47.86 0.14
N HIS C 109 12.17 -48.58 -0.24
CA HIS C 109 12.03 -49.95 -0.71
C HIS C 109 11.80 -50.87 0.47
N LYS C 110 11.18 -52.01 0.24
CA LYS C 110 10.84 -52.91 1.33
C LYS C 110 11.88 -54.02 1.47
N THR C 125 3.58 -50.11 11.45
CA THR C 125 4.55 -51.08 10.96
C THR C 125 5.55 -50.39 10.04
N GLN C 126 6.52 -51.15 9.54
CA GLN C 126 7.46 -50.61 8.56
C GLN C 126 6.68 -50.32 7.28
N LEU C 127 6.56 -49.03 6.94
CA LEU C 127 5.88 -48.62 5.72
C LEU C 127 6.85 -48.55 4.55
N SER C 128 6.33 -48.42 3.35
CA SER C 128 7.18 -48.44 2.16
C SER C 128 6.47 -47.80 0.97
N ASN C 129 7.17 -47.72 -0.15
CA ASN C 129 6.64 -47.10 -1.35
C ASN C 129 5.72 -48.03 -2.12
N GLU C 130 5.27 -49.11 -1.49
CA GLU C 130 4.52 -50.12 -2.22
C GLU C 130 3.08 -49.72 -2.49
N ARG C 131 2.48 -48.94 -1.60
CA ARG C 131 1.15 -48.42 -1.92
C ARG C 131 1.26 -47.39 -3.04
N LEU C 132 2.31 -46.56 -2.99
CA LEU C 132 2.51 -45.52 -4.00
C LEU C 132 2.77 -46.14 -5.37
N GLU C 133 3.52 -47.24 -5.39
CA GLU C 133 3.81 -47.95 -6.65
C GLU C 133 2.51 -48.43 -7.30
N PHE C 134 1.69 -49.12 -6.52
CA PHE C 134 0.35 -49.51 -6.96
C PHE C 134 -0.41 -48.32 -7.55
N LEU C 135 -0.47 -47.21 -6.82
CA LEU C 135 -1.18 -46.03 -7.30
C LEU C 135 -0.52 -45.44 -8.55
N GLY C 136 0.81 -45.28 -8.52
CA GLY C 136 1.55 -44.67 -9.61
C GLY C 136 1.58 -45.49 -10.87
N ASP C 137 1.54 -46.82 -10.70
CA ASP C 137 1.50 -47.75 -11.82
C ASP C 137 0.28 -47.42 -12.66
N SER C 138 -0.89 -47.41 -12.02
CA SER C 138 -2.12 -47.11 -12.74
C SER C 138 -2.12 -45.70 -13.32
N TRP C 139 -1.60 -44.71 -12.58
CA TRP C 139 -1.61 -43.32 -13.09
C TRP C 139 -0.60 -43.10 -14.22
N LEU C 140 0.53 -43.78 -14.13
CA LEU C 140 1.44 -43.80 -15.26
C LEU C 140 0.68 -44.33 -16.48
N GLY C 141 -0.05 -45.41 -16.30
CA GLY C 141 -0.78 -46.01 -17.41
C GLY C 141 -1.82 -45.08 -18.00
N ALA C 142 -2.64 -44.48 -17.14
CA ALA C 142 -3.69 -43.57 -17.56
C ALA C 142 -3.12 -42.36 -18.31
N LEU C 143 -2.04 -41.78 -17.79
CA LEU C 143 -1.48 -40.58 -18.39
C LEU C 143 -0.83 -40.90 -19.73
N VAL C 144 -0.08 -41.99 -19.78
CA VAL C 144 0.48 -42.43 -21.06
C VAL C 144 -0.61 -42.79 -22.07
N SER C 145 -1.69 -43.41 -21.61
CA SER C 145 -2.81 -43.72 -22.50
C SER C 145 -3.37 -42.45 -23.11
N TYR C 146 -3.45 -41.39 -22.30
CA TYR C 146 -3.96 -40.12 -22.76
C TYR C 146 -2.96 -39.52 -23.76
N ILE C 147 -1.68 -39.62 -23.45
CA ILE C 147 -0.69 -39.07 -24.35
C ILE C 147 -0.80 -39.71 -25.75
N VAL C 148 -0.87 -41.04 -25.84
CA VAL C 148 -0.88 -41.68 -27.17
C VAL C 148 -2.23 -41.57 -27.87
N TYR C 149 -3.30 -41.59 -27.09
CA TYR C 149 -4.62 -41.33 -27.64
C TYR C 149 -4.65 -39.98 -28.35
N THR C 150 -4.25 -38.91 -27.65
CA THR C 150 -4.38 -37.57 -28.22
C THR C 150 -3.30 -37.25 -29.25
N ARG C 151 -2.14 -37.87 -29.13
CA ARG C 151 -1.08 -37.61 -30.09
C ARG C 151 -1.26 -38.39 -31.41
N PHE C 152 -1.83 -39.59 -31.33
CA PHE C 152 -2.04 -40.38 -32.55
C PHE C 152 -3.52 -40.67 -32.80
N PRO C 153 -4.24 -39.67 -33.29
CA PRO C 153 -5.70 -39.72 -33.43
C PRO C 153 -6.18 -40.83 -34.32
N SER C 154 -5.35 -41.28 -35.26
CA SER C 154 -5.83 -42.27 -36.23
C SER C 154 -5.43 -43.70 -35.86
N ALA C 155 -4.61 -43.82 -34.82
CA ALA C 155 -4.14 -45.13 -34.40
C ALA C 155 -5.27 -45.96 -33.83
N ASN C 156 -5.25 -47.25 -34.10
CA ASN C 156 -6.23 -48.15 -33.49
C ASN C 156 -5.73 -48.63 -32.15
N GLU C 157 -6.59 -49.33 -31.41
CA GLU C 157 -6.27 -49.71 -30.05
C GLU C 157 -5.03 -50.60 -30.02
N GLY C 158 -4.82 -51.35 -31.10
CA GLY C 158 -3.66 -52.24 -31.17
C GLY C 158 -2.37 -51.44 -31.18
N MET C 159 -2.32 -50.40 -32.03
CA MET C 159 -1.21 -49.48 -32.08
C MET C 159 -1.07 -48.71 -30.75
N LEU C 160 -2.17 -48.20 -30.21
CA LEU C 160 -2.11 -47.53 -28.92
C LEU C 160 -1.49 -48.41 -27.83
N SER C 161 -2.01 -49.64 -27.66
CA SER C 161 -1.55 -50.53 -26.58
C SER C 161 -0.08 -50.85 -26.74
N GLN C 162 0.31 -51.08 -27.98
CA GLN C 162 1.70 -51.32 -28.31
C GLN C 162 2.59 -50.14 -27.91
N MET C 163 2.18 -48.94 -28.33
CA MET C 163 2.93 -47.72 -28.00
C MET C 163 2.98 -47.49 -26.49
N LYS C 164 1.85 -47.65 -25.80
CA LYS C 164 1.82 -47.51 -24.36
C LYS C 164 2.71 -48.55 -23.66
N GLU C 165 2.58 -49.82 -24.04
CA GLU C 165 3.43 -50.85 -23.46
C GLU C 165 4.94 -50.58 -23.64
N SER C 166 5.35 -50.08 -24.81
CA SER C 166 6.77 -49.75 -25.01
C SER C 166 7.24 -48.65 -24.07
N ILE C 167 6.30 -47.87 -23.54
CA ILE C 167 6.66 -46.81 -22.61
C ILE C 167 6.58 -47.23 -21.15
N VAL C 168 5.52 -47.95 -20.77
CA VAL C 168 5.33 -48.22 -19.33
C VAL C 168 5.92 -49.52 -18.81
N ASN C 169 6.50 -50.35 -19.69
CA ASN C 169 7.09 -51.61 -19.27
C ASN C 169 8.30 -51.38 -18.37
N ASN C 170 8.52 -52.29 -17.42
CA ASN C 170 9.56 -52.10 -16.41
C ASN C 170 10.96 -51.92 -16.97
N ASN C 171 11.22 -52.46 -18.16
CA ASN C 171 12.51 -52.25 -18.77
C ASN C 171 12.71 -50.76 -19.01
N ASN C 172 11.77 -50.12 -19.73
CA ASN C 172 11.84 -48.67 -19.96
C ASN C 172 11.85 -47.84 -18.67
N LEU C 173 10.97 -48.19 -17.73
CA LEU C 173 10.95 -47.52 -16.42
C LEU C 173 12.32 -47.53 -15.76
N PHE C 174 13.04 -48.64 -15.91
CA PHE C 174 14.38 -48.75 -15.36
C PHE C 174 15.34 -47.76 -16.03
N ASP C 175 15.22 -47.58 -17.35
CA ASP C 175 16.05 -46.58 -18.03
C ASP C 175 15.67 -45.16 -17.56
N TRP C 176 14.41 -44.94 -17.22
CA TRP C 176 14.03 -43.62 -16.69
C TRP C 176 14.62 -43.46 -15.31
N SER C 177 14.51 -44.48 -14.46
CA SER C 177 15.04 -44.33 -13.09
C SER C 177 16.53 -44.05 -13.16
N THR C 178 17.16 -44.53 -14.23
CA THR C 178 18.56 -44.24 -14.49
C THR C 178 18.71 -42.78 -14.92
N LYS C 179 18.02 -42.39 -15.98
CA LYS C 179 18.04 -41.02 -16.47
C LYS C 179 17.77 -39.98 -15.37
N LEU C 180 16.90 -40.32 -14.42
CA LEU C 180 16.47 -39.40 -13.38
C LEU C 180 17.37 -39.45 -12.15
N ASN C 181 18.26 -40.45 -12.12
CA ASN C 181 19.13 -40.72 -10.99
C ASN C 181 18.42 -41.25 -9.77
N PHE C 182 17.27 -41.91 -9.96
CA PHE C 182 16.59 -42.57 -8.86
C PHE C 182 17.44 -43.72 -8.34
N THR C 183 18.36 -44.20 -9.16
CA THR C 183 19.24 -45.30 -8.78
C THR C 183 20.29 -44.79 -7.78
N LYS C 184 21.04 -43.77 -8.20
CA LYS C 184 22.04 -43.14 -7.34
C LYS C 184 21.48 -41.91 -6.62
N ARG C 185 20.74 -42.14 -5.56
CA ARG C 185 20.17 -41.06 -4.77
C ARG C 185 20.19 -41.43 -3.30
N LEU C 186 19.98 -42.72 -3.03
CA LEU C 186 20.01 -43.25 -1.68
C LEU C 186 21.39 -43.81 -1.35
N GLN C 187 22.29 -43.75 -2.33
CA GLN C 187 23.65 -44.25 -2.17
C GLN C 187 24.60 -43.14 -1.70
N GLY C 188 25.73 -43.54 -1.13
CA GLY C 188 26.71 -42.58 -0.68
C GLY C 188 27.95 -43.18 -0.04
N ASN C 189 27.77 -44.01 0.97
CA ASN C 189 28.90 -44.50 1.76
C ASN C 189 29.55 -45.74 1.17
N ILE C 190 28.72 -46.73 0.85
CA ILE C 190 29.21 -48.00 0.32
C ILE C 190 29.47 -47.90 -1.19
N ALA C 191 30.65 -48.35 -1.62
CA ALA C 191 30.99 -48.38 -3.03
C ALA C 191 30.09 -49.33 -3.81
N THR C 192 29.40 -48.78 -4.81
CA THR C 192 28.54 -49.56 -5.70
C THR C 192 29.10 -49.50 -7.12
N PRO C 193 29.18 -50.65 -7.79
CA PRO C 193 29.60 -50.64 -9.20
C PRO C 193 28.73 -49.69 -10.01
N THR C 194 29.36 -48.83 -10.80
CA THR C 194 28.63 -47.87 -11.61
C THR C 194 27.87 -48.59 -12.73
N ARG C 195 27.98 -49.92 -12.73
CA ARG C 195 27.28 -50.76 -13.68
C ARG C 195 25.99 -51.32 -13.05
N VAL C 196 24.94 -50.50 -13.03
CA VAL C 196 23.67 -50.91 -12.42
C VAL C 196 23.06 -52.11 -13.13
N VAL C 197 23.13 -53.26 -12.47
CA VAL C 197 22.70 -54.53 -13.05
C VAL C 197 21.18 -54.67 -13.05
N LYS C 198 20.63 -55.06 -14.20
CA LYS C 198 19.21 -55.39 -14.30
C LYS C 198 18.98 -56.83 -13.84
N ASP C 199 19.13 -57.08 -12.55
CA ASP C 199 18.78 -58.39 -12.01
C ASP C 199 17.48 -58.28 -11.21
N LYS C 200 17.17 -59.29 -10.41
CA LYS C 200 15.94 -59.28 -9.62
C LYS C 200 15.90 -58.12 -8.62
N MET C 201 17.02 -57.85 -7.97
CA MET C 201 17.09 -56.78 -6.97
C MET C 201 16.76 -55.41 -7.53
N SER C 202 17.33 -55.07 -8.68
CA SER C 202 17.21 -53.74 -9.28
C SER C 202 15.85 -53.43 -9.93
N LYS C 203 14.85 -54.30 -9.76
CA LYS C 203 13.51 -54.00 -10.25
C LYS C 203 12.91 -52.88 -9.43
N ARG C 204 13.33 -52.80 -8.17
CA ARG C 204 12.83 -51.80 -7.23
C ARG C 204 13.04 -50.35 -7.70
N TYR C 205 13.96 -50.12 -8.63
CA TYR C 205 14.20 -48.77 -9.12
C TYR C 205 13.20 -48.38 -10.20
N ALA C 206 12.77 -49.39 -10.98
CA ALA C 206 11.61 -49.22 -11.82
C ALA C 206 10.42 -48.88 -10.92
N ASP C 207 10.27 -49.66 -9.84
CA ASP C 207 9.19 -49.46 -8.86
C ASP C 207 9.20 -48.05 -8.30
N CYS C 208 10.40 -47.54 -8.02
CA CYS C 208 10.56 -46.18 -7.51
C CYS C 208 9.92 -45.15 -8.43
N VAL C 209 10.07 -45.34 -9.73
CA VAL C 209 9.51 -44.40 -10.70
C VAL C 209 8.00 -44.38 -10.56
N GLU C 210 7.38 -45.55 -10.51
CA GLU C 210 5.95 -45.62 -10.33
C GLU C 210 5.48 -45.00 -9.01
N ALA C 211 6.26 -45.26 -7.96
CA ALA C 211 5.97 -44.72 -6.64
C ALA C 211 6.02 -43.21 -6.64
N TYR C 212 6.94 -42.66 -7.43
CA TYR C 212 7.14 -41.22 -7.46
C TYR C 212 5.95 -40.55 -8.17
N ILE C 213 5.56 -41.17 -9.27
CA ILE C 213 4.42 -40.72 -10.04
C ILE C 213 3.23 -40.77 -9.07
N GLY C 214 3.17 -41.82 -8.26
CA GLY C 214 2.15 -41.94 -7.23
C GLY C 214 2.13 -40.72 -6.30
N ALA C 215 3.30 -40.28 -5.84
CA ALA C 215 3.41 -39.09 -5.00
C ALA C 215 2.96 -37.81 -5.73
N LEU C 216 3.42 -37.63 -6.96
CA LEU C 216 2.98 -36.50 -7.77
C LEU C 216 1.46 -36.43 -7.87
N VAL C 217 0.85 -37.57 -8.16
CA VAL C 217 -0.60 -37.67 -8.27
C VAL C 217 -1.32 -37.33 -6.99
N ILE C 218 -0.84 -37.85 -5.86
CA ILE C 218 -1.46 -37.51 -4.59
C ILE C 218 -1.47 -36.00 -4.34
N ASP C 219 -0.35 -35.34 -4.62
CA ASP C 219 -0.26 -33.89 -4.39
C ASP C 219 -1.15 -33.08 -5.33
N ARG C 220 -1.37 -33.59 -6.53
CA ARG C 220 -2.04 -32.81 -7.56
C ARG C 220 -3.52 -33.15 -7.71
N PHE C 221 -3.93 -34.32 -7.25
CA PHE C 221 -5.32 -34.70 -7.45
C PHE C 221 -6.21 -33.67 -6.81
N GLY C 222 -7.09 -33.08 -7.59
CA GLY C 222 -7.92 -32.04 -7.03
C GLY C 222 -9.36 -32.28 -7.42
N THR C 223 -9.82 -31.42 -8.28
CA THR C 223 -11.22 -31.25 -8.51
C THR C 223 -11.55 -31.57 -9.97
N GLU C 224 -10.51 -31.76 -10.79
CA GLU C 224 -10.71 -31.88 -12.23
C GLU C 224 -11.51 -33.12 -12.60
N PHE C 225 -11.23 -34.22 -11.92
CA PHE C 225 -11.95 -35.48 -12.17
C PHE C 225 -12.78 -35.88 -10.95
N LEU C 226 -13.11 -34.92 -10.10
CA LEU C 226 -13.83 -35.24 -8.88
C LEU C 226 -15.21 -35.85 -9.15
N ASP C 227 -15.95 -35.28 -10.10
CA ASP C 227 -17.28 -35.78 -10.41
C ASP C 227 -17.24 -37.23 -10.90
N ILE C 228 -16.24 -37.57 -11.72
CA ILE C 228 -16.05 -38.94 -12.16
C ILE C 228 -15.70 -39.85 -10.98
N LYS C 229 -14.73 -39.42 -10.19
CA LYS C 229 -14.28 -40.19 -9.03
C LYS C 229 -15.42 -40.50 -8.03
N GLU C 230 -16.20 -39.48 -7.69
CA GLU C 230 -17.30 -39.65 -6.74
C GLU C 230 -18.38 -40.58 -7.31
N TRP C 231 -18.63 -40.47 -8.61
CA TRP C 231 -19.51 -41.38 -9.32
C TRP C 231 -19.01 -42.82 -9.20
N LEU C 232 -17.75 -43.06 -9.54
CA LEU C 232 -17.19 -44.39 -9.46
C LEU C 232 -17.30 -44.96 -8.04
N GLU C 233 -16.99 -44.12 -7.07
CA GLU C 233 -16.99 -44.55 -5.68
C GLU C 233 -18.40 -44.94 -5.23
N GLU C 234 -19.38 -44.18 -5.67
CA GLU C 234 -20.78 -44.46 -5.37
C GLU C 234 -21.17 -45.82 -5.96
N LEU C 235 -20.85 -46.04 -7.24
CA LEU C 235 -21.10 -47.32 -7.89
C LEU C 235 -20.40 -48.46 -7.17
N SER C 236 -19.27 -48.16 -6.55
CA SER C 236 -18.41 -49.20 -6.00
C SER C 236 -18.70 -49.45 -4.54
N GLU C 237 -19.67 -48.72 -4.00
CA GLU C 237 -19.93 -48.74 -2.56
C GLU C 237 -20.17 -50.15 -2.02
N LYS C 238 -20.96 -50.94 -2.75
CA LYS C 238 -21.26 -52.30 -2.35
C LYS C 238 -19.98 -53.11 -2.14
N LYS C 239 -19.13 -53.13 -3.16
CA LYS C 239 -17.89 -53.88 -3.10
C LYS C 239 -16.92 -53.31 -2.06
N LEU C 240 -16.95 -52.00 -1.87
CA LEU C 240 -15.99 -51.35 -0.97
C LEU C 240 -16.22 -51.75 0.50
N ALA C 241 -17.48 -51.89 0.88
CA ALA C 241 -17.83 -52.31 2.24
C ALA C 241 -17.29 -53.71 2.55
N LYS C 242 -17.36 -54.61 1.57
CA LYS C 242 -16.83 -55.96 1.73
C LYS C 242 -15.36 -55.94 2.13
N SER D 1 -30.82 -28.62 -27.76
CA SER D 1 -30.96 -27.41 -26.94
C SER D 1 -31.19 -27.77 -25.48
N ASN D 2 -32.26 -28.50 -25.19
CA ASN D 2 -32.47 -28.96 -23.83
C ASN D 2 -31.32 -29.85 -23.35
N GLU D 3 -30.62 -30.45 -24.29
CA GLU D 3 -29.46 -31.27 -23.96
C GLU D 3 -28.20 -30.41 -23.90
N LEU D 4 -28.09 -29.47 -24.83
CA LEU D 4 -26.92 -28.61 -24.92
C LEU D 4 -26.80 -27.76 -23.64
N LYS D 5 -27.92 -27.23 -23.18
CA LYS D 5 -27.94 -26.42 -21.96
C LYS D 5 -27.40 -27.18 -20.74
N VAL D 6 -27.82 -28.44 -20.59
CA VAL D 6 -27.35 -29.28 -19.49
C VAL D 6 -25.87 -29.66 -19.62
N ARG D 7 -25.39 -29.83 -20.84
CA ARG D 7 -23.98 -30.18 -21.03
C ARG D 7 -23.11 -28.97 -20.75
N GLU D 8 -23.52 -27.81 -21.25
CA GLU D 8 -22.78 -26.58 -21.00
C GLU D 8 -22.83 -26.18 -19.54
N PHE D 9 -23.94 -26.48 -18.86
CA PHE D 9 -24.03 -26.17 -17.45
C PHE D 9 -23.00 -26.97 -16.65
N TYR D 10 -22.81 -28.24 -16.99
CA TYR D 10 -21.82 -29.02 -16.26
C TYR D 10 -20.38 -28.67 -16.65
N ARG D 11 -20.19 -28.22 -17.88
CA ARG D 11 -18.89 -27.69 -18.23
C ARG D 11 -18.64 -26.45 -17.35
N LEU D 12 -19.65 -25.60 -17.23
CA LEU D 12 -19.51 -24.35 -16.49
C LEU D 12 -19.32 -24.61 -15.01
N HIS D 13 -20.13 -25.51 -14.45
CA HIS D 13 -20.08 -25.81 -13.03
C HIS D 13 -18.72 -26.40 -12.65
N ASN D 14 -18.21 -27.31 -13.47
CA ASN D 14 -16.91 -27.90 -13.18
C ASN D 14 -15.79 -26.86 -13.28
N ALA D 15 -15.93 -25.90 -14.18
CA ALA D 15 -14.99 -24.79 -14.24
C ALA D 15 -15.03 -23.96 -12.94
N CYS D 16 -16.23 -23.72 -12.42
CA CYS D 16 -16.39 -22.99 -11.17
C CYS D 16 -15.81 -23.77 -10.01
N VAL D 17 -16.01 -25.09 -10.01
CA VAL D 17 -15.44 -25.92 -8.96
C VAL D 17 -13.91 -25.77 -8.94
N LYS D 18 -13.30 -25.78 -10.12
CA LYS D 18 -11.86 -25.60 -10.29
C LYS D 18 -11.40 -24.20 -9.90
N LEU D 19 -12.18 -23.18 -10.30
CA LEU D 19 -11.83 -21.82 -9.91
C LEU D 19 -11.78 -21.68 -8.38
N LYS D 20 -12.82 -22.19 -7.73
CA LYS D 20 -12.91 -22.07 -6.28
C LYS D 20 -11.74 -22.75 -5.64
N GLU D 21 -11.43 -23.96 -6.11
CA GLU D 21 -10.34 -24.74 -5.55
C GLU D 21 -9.01 -23.98 -5.68
N SER D 22 -8.75 -23.48 -6.87
CA SER D 22 -7.45 -22.86 -7.13
C SER D 22 -7.30 -21.48 -6.45
N ILE D 23 -8.39 -20.73 -6.30
CA ILE D 23 -8.23 -19.42 -5.66
C ILE D 23 -7.96 -19.60 -4.18
N LYS D 24 -8.53 -20.62 -3.59
CA LYS D 24 -8.19 -20.96 -2.22
C LYS D 24 -6.70 -21.25 -2.09
N LEU D 25 -6.15 -22.05 -2.99
CA LEU D 25 -4.72 -22.32 -2.96
C LEU D 25 -3.92 -21.03 -3.06
N ILE D 26 -4.33 -20.13 -3.94
CA ILE D 26 -3.58 -18.89 -4.17
C ILE D 26 -3.68 -17.97 -2.95
N TYR D 27 -4.90 -17.77 -2.43
CA TYR D 27 -5.10 -16.91 -1.28
C TYR D 27 -4.30 -17.37 -0.06
N GLU D 28 -4.09 -18.68 0.08
CA GLU D 28 -3.46 -19.21 1.29
C GLU D 28 -1.99 -19.62 1.11
N ASN D 29 -1.44 -19.43 -0.08
CA ASN D 29 -0.07 -19.83 -0.31
C ASN D 29 0.90 -19.01 0.55
N PRO D 30 1.88 -19.69 1.17
CA PRO D 30 2.87 -19.04 2.05
C PRO D 30 3.66 -17.95 1.34
N LEU D 31 3.96 -18.12 0.05
CA LEU D 31 4.70 -17.10 -0.71
C LEU D 31 4.01 -15.73 -0.82
N VAL D 32 2.68 -15.69 -0.68
CA VAL D 32 2.00 -14.41 -0.84
C VAL D 32 1.26 -14.00 0.43
N THR D 33 0.95 -14.98 1.25
CA THR D 33 0.22 -14.74 2.49
C THR D 33 1.13 -14.90 3.66
N ASP D 34 1.06 -16.09 4.27
CA ASP D 34 1.69 -16.39 5.55
C ASP D 34 2.56 -15.25 6.04
N GLN D 35 3.62 -14.96 5.29
CA GLN D 35 4.48 -13.84 5.59
C GLN D 35 4.99 -13.18 4.32
N ASN D 36 5.24 -11.87 4.42
CA ASN D 36 5.94 -11.14 3.38
C ASN D 36 7.45 -11.23 3.64
N VAL D 37 7.81 -12.02 4.63
CA VAL D 37 9.20 -12.24 4.99
C VAL D 37 9.62 -13.68 4.73
N LEU D 38 8.88 -14.35 3.84
CA LEU D 38 9.20 -15.73 3.49
C LEU D 38 10.34 -15.76 2.47
N ASN D 39 10.50 -14.67 1.73
CA ASN D 39 11.65 -14.50 0.85
C ASN D 39 12.69 -13.58 1.49
N LEU D 40 13.97 -13.78 1.17
CA LEU D 40 15.05 -12.97 1.71
C LEU D 40 15.44 -11.80 0.81
N GLY D 41 16.52 -11.10 1.18
CA GLY D 41 16.93 -9.92 0.45
C GLY D 41 18.41 -9.64 0.49
N THR D 42 19.18 -10.45 -0.24
CA THR D 42 20.61 -10.22 -0.40
C THR D 42 21.02 -10.56 -1.83
N ALA D 43 22.17 -10.05 -2.25
CA ALA D 43 22.66 -10.26 -3.61
C ALA D 43 22.59 -11.72 -4.06
N GLU D 44 22.69 -12.65 -3.10
CA GLU D 44 22.87 -14.06 -3.43
C GLU D 44 21.71 -15.00 -3.06
N ASN D 45 20.56 -14.43 -2.71
CA ASN D 45 19.34 -15.23 -2.57
C ASN D 45 18.74 -15.50 -3.94
N THR D 46 19.51 -16.18 -4.79
CA THR D 46 19.13 -16.39 -6.18
C THR D 46 17.70 -16.94 -6.30
N ILE D 47 17.35 -17.84 -5.40
CA ILE D 47 16.03 -18.46 -5.44
C ILE D 47 14.96 -17.44 -5.04
N ASP D 48 15.23 -16.67 -4.00
CA ASP D 48 14.27 -15.70 -3.54
C ASP D 48 13.98 -14.66 -4.61
N TYR D 49 15.01 -14.16 -5.26
CA TYR D 49 14.83 -13.11 -6.26
C TYR D 49 14.25 -13.62 -7.57
N THR D 50 14.58 -14.86 -7.91
CA THR D 50 13.99 -15.49 -9.09
C THR D 50 12.49 -15.61 -8.91
N ILE D 51 12.09 -16.14 -7.76
CA ILE D 51 10.69 -16.32 -7.43
C ILE D 51 9.96 -14.97 -7.42
N LEU D 52 10.61 -13.96 -6.83
CA LEU D 52 10.04 -12.62 -6.75
C LEU D 52 9.78 -12.03 -8.12
N ASN D 53 10.65 -12.35 -9.08
CA ASN D 53 10.54 -11.75 -10.40
C ASN D 53 9.67 -12.54 -11.39
N THR D 54 9.06 -13.63 -10.94
CA THR D 54 8.25 -14.41 -11.86
C THR D 54 6.90 -13.77 -12.10
N PRO D 55 6.34 -13.98 -13.29
CA PRO D 55 4.94 -13.70 -13.57
C PRO D 55 4.00 -14.33 -12.53
N THR D 56 4.34 -15.54 -12.11
CA THR D 56 3.52 -16.29 -11.16
C THR D 56 3.26 -15.50 -9.87
N LEU D 57 4.34 -15.00 -9.25
CA LEU D 57 4.20 -14.32 -7.97
C LEU D 57 3.50 -12.97 -8.16
N ASN D 58 3.82 -12.28 -9.26
CA ASN D 58 3.15 -11.03 -9.60
C ASN D 58 1.64 -11.19 -9.78
N VAL D 59 1.24 -12.24 -10.49
CA VAL D 59 -0.18 -12.50 -10.71
C VAL D 59 -0.84 -12.85 -9.39
N ALA D 60 -0.18 -13.71 -8.62
CA ALA D 60 -0.76 -14.18 -7.36
C ALA D 60 -0.97 -13.04 -6.35
N LYS D 61 0.02 -12.15 -6.28
CA LYS D 61 -0.07 -10.93 -5.45
C LYS D 61 -1.18 -10.00 -5.92
N THR D 62 -1.24 -9.76 -7.23
CA THR D 62 -2.30 -8.91 -7.78
C THR D 62 -3.68 -9.52 -7.43
N LEU D 63 -3.79 -10.84 -7.50
CA LEU D 63 -5.04 -11.52 -7.16
C LEU D 63 -5.37 -11.37 -5.67
N LEU D 64 -4.36 -11.48 -4.81
CA LEU D 64 -4.52 -11.19 -3.38
C LEU D 64 -4.95 -9.72 -3.13
N GLY D 65 -4.34 -8.76 -3.80
CA GLY D 65 -4.80 -7.39 -3.74
C GLY D 65 -6.27 -7.32 -4.12
N ASN D 66 -6.63 -7.97 -5.23
CA ASN D 66 -8.02 -7.91 -5.72
C ASN D 66 -9.02 -8.47 -4.72
N ARG D 67 -8.53 -9.33 -3.83
CA ARG D 67 -9.39 -9.94 -2.80
C ARG D 67 -10.06 -8.85 -1.95
N TYR D 68 -9.36 -7.73 -1.76
CA TYR D 68 -9.88 -6.64 -0.95
C TYR D 68 -11.10 -6.00 -1.62
N SER D 69 -11.14 -6.03 -2.94
CA SER D 69 -12.27 -5.52 -3.71
C SER D 69 -13.30 -6.58 -4.06
N LEU D 70 -12.84 -7.76 -4.47
CA LEU D 70 -13.75 -8.87 -4.70
C LEU D 70 -13.16 -10.14 -4.11
N ASP D 71 -13.68 -10.58 -2.96
CA ASP D 71 -13.19 -11.80 -2.33
C ASP D 71 -13.89 -13.01 -2.95
N LEU D 72 -13.12 -13.82 -3.69
CA LEU D 72 -13.72 -14.87 -4.51
C LEU D 72 -14.26 -16.03 -3.69
N ILE D 73 -13.57 -16.41 -2.62
CA ILE D 73 -14.07 -17.47 -1.74
C ILE D 73 -15.41 -17.02 -1.19
N ASP D 74 -15.46 -15.78 -0.75
CA ASP D 74 -16.68 -15.20 -0.21
C ASP D 74 -17.81 -15.19 -1.21
N LEU D 75 -17.50 -14.90 -2.47
CA LEU D 75 -18.51 -14.92 -3.51
C LEU D 75 -19.15 -16.32 -3.56
N PHE D 76 -18.32 -17.34 -3.60
CA PHE D 76 -18.86 -18.70 -3.65
C PHE D 76 -19.79 -19.03 -2.48
N GLN D 77 -19.34 -18.75 -1.26
CA GLN D 77 -20.13 -19.01 -0.05
C GLN D 77 -21.40 -18.18 -0.01
N SER D 78 -21.32 -16.97 -0.53
CA SER D 78 -22.47 -16.06 -0.57
C SER D 78 -23.64 -16.67 -1.31
N HIS D 79 -23.37 -17.44 -2.35
CA HIS D 79 -24.44 -18.02 -3.16
C HIS D 79 -24.73 -19.48 -2.85
N ASP D 80 -24.19 -20.00 -1.75
CA ASP D 80 -24.43 -21.38 -1.35
C ASP D 80 -23.91 -22.39 -2.36
N PHE D 81 -22.84 -22.03 -3.06
CA PHE D 81 -22.27 -22.90 -4.07
C PHE D 81 -21.83 -24.23 -3.46
N LYS D 82 -22.30 -25.33 -4.04
CA LYS D 82 -21.83 -26.66 -3.63
C LYS D 82 -21.16 -27.36 -4.81
N ASP D 83 -20.01 -27.95 -4.56
CA ASP D 83 -19.22 -28.63 -5.59
C ASP D 83 -19.91 -29.87 -6.15
N SER D 84 -20.39 -30.70 -5.25
CA SER D 84 -20.79 -32.06 -5.59
C SER D 84 -22.27 -32.26 -5.87
N ASN D 85 -23.07 -31.22 -5.63
CA ASN D 85 -24.50 -31.33 -5.91
C ASN D 85 -25.07 -30.06 -6.53
N THR D 86 -25.97 -30.22 -7.49
CA THR D 86 -26.62 -29.08 -8.11
C THR D 86 -28.08 -29.41 -8.35
N ASP D 87 -28.88 -28.38 -8.61
CA ASP D 87 -30.31 -28.56 -8.87
C ASP D 87 -30.55 -29.18 -10.24
N VAL D 88 -29.51 -29.20 -11.06
CA VAL D 88 -29.62 -29.75 -12.40
C VAL D 88 -29.43 -31.28 -12.34
N ASP D 89 -28.83 -31.77 -11.26
CA ASP D 89 -28.59 -33.20 -11.13
C ASP D 89 -29.86 -34.03 -11.36
N MET D 90 -31.03 -33.45 -11.06
CA MET D 90 -32.26 -34.19 -11.17
C MET D 90 -32.50 -34.60 -12.63
N PHE D 91 -31.90 -33.88 -13.56
CA PHE D 91 -32.11 -34.12 -14.98
C PHE D 91 -31.14 -35.15 -15.56
N ILE D 92 -30.32 -35.78 -14.73
CA ILE D 92 -29.34 -36.73 -15.23
C ILE D 92 -29.22 -37.97 -14.36
N LYS D 93 -28.64 -39.02 -14.94
CA LYS D 93 -28.49 -40.30 -14.26
C LYS D 93 -27.05 -40.57 -13.85
N TYR D 94 -26.11 -40.05 -14.65
CA TYR D 94 -24.69 -40.25 -14.37
C TYR D 94 -23.95 -39.05 -14.96
N PRO D 95 -22.64 -38.90 -14.64
CA PRO D 95 -21.95 -37.68 -15.05
C PRO D 95 -22.02 -37.49 -16.56
N VAL D 96 -22.19 -36.24 -16.95
CA VAL D 96 -22.40 -35.83 -18.33
C VAL D 96 -21.10 -35.70 -19.12
N VAL D 97 -21.14 -36.17 -20.37
CA VAL D 97 -20.10 -35.88 -21.36
C VAL D 97 -20.49 -34.55 -22.03
N TYR D 98 -19.55 -33.62 -22.15
CA TYR D 98 -19.87 -32.31 -22.72
C TYR D 98 -20.11 -32.37 -24.21
N ASP D 99 -19.35 -33.23 -24.89
CA ASP D 99 -19.37 -33.31 -26.33
C ASP D 99 -20.19 -34.53 -26.78
N GLU D 100 -21.39 -34.30 -27.29
CA GLU D 100 -22.28 -35.42 -27.62
C GLU D 100 -21.73 -36.38 -28.66
N ASN D 101 -20.87 -35.91 -29.55
CA ASN D 101 -20.23 -36.79 -30.52
C ASN D 101 -19.36 -37.85 -29.85
N LEU D 102 -18.66 -37.43 -28.80
CA LEU D 102 -17.80 -38.36 -28.06
C LEU D 102 -18.67 -39.38 -27.35
N GLU D 103 -19.78 -38.92 -26.78
CA GLU D 103 -20.66 -39.83 -26.09
C GLU D 103 -21.25 -40.85 -27.07
N ASN D 104 -21.65 -40.39 -28.25
CA ASN D 104 -22.19 -41.30 -29.25
C ASN D 104 -21.15 -42.34 -29.63
N LEU D 105 -19.91 -41.87 -29.84
CA LEU D 105 -18.82 -42.75 -30.21
C LEU D 105 -18.60 -43.86 -29.19
N ALA D 106 -18.85 -43.56 -27.92
CA ALA D 106 -18.67 -44.54 -26.85
C ALA D 106 -19.57 -45.76 -27.00
N PHE D 107 -20.68 -45.59 -27.71
CA PHE D 107 -21.62 -46.70 -27.89
C PHE D 107 -21.48 -47.43 -29.23
N MET D 108 -20.56 -46.98 -30.06
CA MET D 108 -20.25 -47.68 -31.30
C MET D 108 -19.41 -48.92 -30.98
N HIS D 109 -20.06 -50.08 -30.89
CA HIS D 109 -19.38 -51.33 -30.53
C HIS D 109 -18.38 -51.81 -31.57
N LYS D 110 -17.36 -52.50 -31.10
CA LYS D 110 -16.41 -53.19 -31.96
C LYS D 110 -17.09 -54.50 -32.38
N SER D 111 -16.93 -54.89 -33.64
CA SER D 111 -17.56 -56.12 -34.14
C SER D 111 -16.92 -57.41 -33.61
N PHE D 112 -17.74 -58.35 -33.14
CA PHE D 112 -17.27 -59.58 -32.51
C PHE D 112 -16.16 -60.27 -33.31
N THR D 125 -13.05 -47.41 -42.87
CA THR D 125 -13.44 -48.43 -41.92
C THR D 125 -14.39 -47.85 -40.87
N GLN D 126 -15.19 -48.72 -40.26
CA GLN D 126 -16.17 -48.31 -39.26
C GLN D 126 -15.51 -47.55 -38.10
N LEU D 127 -16.29 -46.65 -37.51
CA LEU D 127 -15.87 -46.01 -36.27
C LEU D 127 -16.17 -46.95 -35.12
N SER D 128 -15.25 -46.99 -34.16
CA SER D 128 -15.36 -47.93 -33.05
C SER D 128 -15.12 -47.18 -31.75
N ASN D 129 -15.62 -47.73 -30.66
CA ASN D 129 -15.37 -47.17 -29.34
C ASN D 129 -14.11 -47.77 -28.73
N GLU D 130 -13.33 -48.46 -29.54
CA GLU D 130 -12.16 -49.19 -29.05
C GLU D 130 -11.07 -48.25 -28.53
N ARG D 131 -10.91 -47.08 -29.15
CA ARG D 131 -9.92 -46.14 -28.64
C ARG D 131 -10.37 -45.58 -27.29
N LEU D 132 -11.61 -45.12 -27.24
CA LEU D 132 -12.19 -44.61 -26.01
C LEU D 132 -12.12 -45.68 -24.93
N GLU D 133 -12.34 -46.93 -25.33
CA GLU D 133 -12.30 -48.03 -24.37
C GLU D 133 -10.89 -48.19 -23.83
N PHE D 134 -9.91 -48.07 -24.71
CA PHE D 134 -8.52 -48.19 -24.29
C PHE D 134 -8.17 -47.06 -23.30
N LEU D 135 -8.62 -45.85 -23.59
CA LEU D 135 -8.35 -44.74 -22.69
C LEU D 135 -9.10 -44.94 -21.36
N GLY D 136 -10.38 -45.28 -21.47
CA GLY D 136 -11.25 -45.37 -20.31
C GLY D 136 -10.86 -46.50 -19.37
N ASP D 137 -10.52 -47.66 -19.92
CA ASP D 137 -10.06 -48.79 -19.12
C ASP D 137 -8.93 -48.34 -18.21
N SER D 138 -7.94 -47.70 -18.81
CA SER D 138 -6.79 -47.19 -18.09
C SER D 138 -7.17 -46.11 -17.05
N TRP D 139 -8.11 -45.22 -17.36
CA TRP D 139 -8.50 -44.19 -16.38
C TRP D 139 -9.44 -44.70 -15.28
N LEU D 140 -10.27 -45.67 -15.61
CA LEU D 140 -11.08 -46.35 -14.61
C LEU D 140 -10.13 -46.95 -13.60
N GLY D 141 -9.06 -47.56 -14.11
CA GLY D 141 -8.06 -48.16 -13.25
C GLY D 141 -7.39 -47.15 -12.34
N ALA D 142 -6.95 -46.02 -12.91
CA ALA D 142 -6.27 -44.99 -12.13
C ALA D 142 -7.21 -44.40 -11.07
N LEU D 143 -8.42 -44.05 -11.47
CA LEU D 143 -9.37 -43.45 -10.55
C LEU D 143 -9.77 -44.40 -9.43
N VAL D 144 -10.02 -45.66 -9.78
CA VAL D 144 -10.35 -46.66 -8.78
C VAL D 144 -9.16 -46.92 -7.85
N SER D 145 -7.95 -46.94 -8.41
CA SER D 145 -6.76 -47.09 -7.57
C SER D 145 -6.66 -45.98 -6.53
N TYR D 146 -6.99 -44.77 -6.95
CA TYR D 146 -6.92 -43.60 -6.07
C TYR D 146 -7.99 -43.76 -5.00
N ILE D 147 -9.20 -44.13 -5.42
CA ILE D 147 -10.29 -44.35 -4.49
C ILE D 147 -9.88 -45.35 -3.38
N VAL D 148 -9.32 -46.49 -3.75
CA VAL D 148 -8.99 -47.50 -2.72
C VAL D 148 -7.75 -47.11 -1.92
N TYR D 149 -6.77 -46.52 -2.58
CA TYR D 149 -5.59 -46.04 -1.88
C TYR D 149 -5.97 -45.03 -0.78
N THR D 150 -6.86 -44.09 -1.10
CA THR D 150 -7.18 -43.04 -0.15
C THR D 150 -8.21 -43.51 0.88
N ARG D 151 -9.07 -44.44 0.49
CA ARG D 151 -10.13 -44.91 1.38
C ARG D 151 -9.65 -45.92 2.42
N PHE D 152 -8.56 -46.62 2.11
CA PHE D 152 -8.02 -47.65 2.99
C PHE D 152 -6.54 -47.43 3.23
N PRO D 153 -6.19 -46.45 4.07
CA PRO D 153 -4.80 -46.03 4.33
C PRO D 153 -3.94 -47.13 4.91
N SER D 154 -4.57 -48.16 5.48
CA SER D 154 -3.86 -49.24 6.17
C SER D 154 -3.63 -50.46 5.31
N ALA D 155 -4.36 -50.57 4.21
CA ALA D 155 -4.24 -51.72 3.32
C ALA D 155 -2.90 -51.77 2.59
N ASN D 156 -2.42 -52.98 2.35
CA ASN D 156 -1.21 -53.18 1.57
C ASN D 156 -1.57 -53.45 0.11
N GLU D 157 -0.57 -53.52 -0.75
CA GLU D 157 -0.82 -53.72 -2.18
C GLU D 157 -1.80 -54.86 -2.43
N GLY D 158 -1.70 -55.92 -1.62
CA GLY D 158 -2.52 -57.09 -1.81
C GLY D 158 -4.01 -56.82 -1.69
N MET D 159 -4.41 -56.11 -0.65
CA MET D 159 -5.81 -55.74 -0.51
C MET D 159 -6.21 -54.78 -1.62
N LEU D 160 -5.37 -53.76 -1.84
CA LEU D 160 -5.65 -52.74 -2.86
C LEU D 160 -5.93 -53.39 -4.22
N SER D 161 -4.99 -54.19 -4.68
CA SER D 161 -5.15 -54.91 -5.95
C SER D 161 -6.43 -55.74 -5.99
N GLN D 162 -6.70 -56.44 -4.87
CA GLN D 162 -7.84 -57.33 -4.80
C GLN D 162 -9.13 -56.53 -4.85
N MET D 163 -9.17 -55.47 -4.06
CA MET D 163 -10.33 -54.61 -4.03
C MET D 163 -10.53 -53.95 -5.39
N LYS D 164 -9.45 -53.53 -6.02
CA LYS D 164 -9.52 -52.94 -7.35
C LYS D 164 -10.07 -53.94 -8.33
N GLU D 165 -9.54 -55.16 -8.29
CA GLU D 165 -9.97 -56.22 -9.20
C GLU D 165 -11.45 -56.59 -9.03
N SER D 166 -11.96 -56.47 -7.82
CA SER D 166 -13.35 -56.81 -7.55
C SER D 166 -14.26 -55.80 -8.23
N ILE D 167 -13.70 -54.64 -8.58
CA ILE D 167 -14.47 -53.54 -9.12
C ILE D 167 -14.36 -53.39 -10.63
N VAL D 168 -13.15 -53.58 -11.17
CA VAL D 168 -12.95 -53.27 -12.59
C VAL D 168 -12.99 -54.48 -13.53
N ASN D 169 -13.33 -55.66 -13.00
CA ASN D 169 -13.50 -56.85 -13.85
C ASN D 169 -14.77 -56.73 -14.69
N ASN D 170 -14.81 -57.44 -15.81
CA ASN D 170 -15.93 -57.32 -16.75
C ASN D 170 -17.30 -57.63 -16.12
N ASN D 171 -17.31 -58.56 -15.17
CA ASN D 171 -18.58 -58.95 -14.53
C ASN D 171 -19.21 -57.78 -13.80
N ASN D 172 -18.44 -57.17 -12.90
CA ASN D 172 -18.91 -55.98 -12.19
C ASN D 172 -19.27 -54.86 -13.17
N LEU D 173 -18.39 -54.63 -14.13
CA LEU D 173 -18.65 -53.62 -15.15
C LEU D 173 -19.97 -53.88 -15.89
N PHE D 174 -20.25 -55.16 -16.15
CA PHE D 174 -21.53 -55.51 -16.77
C PHE D 174 -22.70 -55.16 -15.85
N ASP D 175 -22.56 -55.48 -14.57
CA ASP D 175 -23.55 -55.08 -13.57
C ASP D 175 -23.80 -53.55 -13.59
N TRP D 176 -22.73 -52.78 -13.77
CA TRP D 176 -22.86 -51.33 -13.79
C TRP D 176 -23.62 -50.90 -15.03
N SER D 177 -23.25 -51.49 -16.17
CA SER D 177 -23.90 -51.13 -17.44
C SER D 177 -25.39 -51.39 -17.34
N THR D 178 -25.76 -52.44 -16.62
CA THR D 178 -27.16 -52.74 -16.39
C THR D 178 -27.75 -51.69 -15.48
N LYS D 179 -27.02 -51.39 -14.41
CA LYS D 179 -27.42 -50.35 -13.45
C LYS D 179 -27.61 -48.98 -14.10
N LEU D 180 -26.82 -48.69 -15.13
CA LEU D 180 -26.87 -47.38 -15.79
C LEU D 180 -27.75 -47.40 -17.04
N ASN D 181 -28.36 -48.55 -17.34
CA ASN D 181 -29.22 -48.68 -18.52
C ASN D 181 -28.47 -48.54 -19.84
N PHE D 182 -27.21 -48.99 -19.87
CA PHE D 182 -26.42 -48.88 -21.09
C PHE D 182 -26.87 -49.95 -22.08
N THR D 183 -27.29 -51.08 -21.53
CA THR D 183 -27.87 -52.17 -22.31
C THR D 183 -29.09 -51.69 -23.08
N LYS D 184 -30.02 -51.03 -22.38
CA LYS D 184 -31.27 -50.59 -22.98
C LYS D 184 -31.08 -49.50 -24.03
N ARG D 185 -30.04 -48.68 -23.87
CA ARG D 185 -29.77 -47.61 -24.82
C ARG D 185 -29.43 -48.19 -26.20
N LEU D 186 -29.02 -49.45 -26.20
CA LEU D 186 -28.54 -50.12 -27.40
C LEU D 186 -29.57 -51.09 -28.00
N GLN D 187 -30.70 -51.24 -27.32
CA GLN D 187 -31.68 -52.27 -27.66
C GLN D 187 -33.05 -51.69 -28.02
N GLY D 188 -33.86 -52.49 -28.71
CA GLY D 188 -35.22 -52.09 -29.02
C GLY D 188 -36.06 -53.06 -29.83
N ASN D 189 -35.48 -53.63 -30.89
CA ASN D 189 -36.28 -54.40 -31.84
C ASN D 189 -36.21 -55.90 -31.60
N ILE D 190 -34.99 -56.44 -31.52
CA ILE D 190 -34.80 -57.88 -31.34
C ILE D 190 -34.88 -58.32 -29.87
N ALA D 191 -35.57 -59.43 -29.63
CA ALA D 191 -35.74 -59.98 -28.28
C ALA D 191 -34.40 -60.35 -27.62
N THR D 192 -34.09 -59.68 -26.52
CA THR D 192 -32.80 -59.85 -25.84
C THR D 192 -32.89 -60.69 -24.55
N PRO D 193 -32.03 -61.72 -24.44
CA PRO D 193 -31.92 -62.50 -23.20
C PRO D 193 -31.62 -61.64 -21.98
N THR D 194 -32.20 -62.01 -20.85
CA THR D 194 -31.95 -61.32 -19.59
C THR D 194 -31.27 -62.26 -18.62
N ARG D 195 -31.85 -63.44 -18.43
CA ARG D 195 -31.32 -64.45 -17.51
C ARG D 195 -29.82 -64.70 -17.72
N VAL D 196 -29.49 -65.75 -18.47
CA VAL D 196 -28.09 -66.05 -18.72
C VAL D 196 -27.49 -65.12 -19.75
N VAL D 197 -26.65 -64.21 -19.28
CA VAL D 197 -25.99 -63.25 -20.15
C VAL D 197 -24.69 -63.81 -20.70
N LYS D 198 -24.64 -63.93 -22.03
CA LYS D 198 -23.48 -64.45 -22.73
C LYS D 198 -22.17 -63.87 -22.19
N ASP D 199 -21.07 -64.57 -22.47
CA ASP D 199 -19.75 -64.12 -22.02
C ASP D 199 -19.20 -63.02 -22.93
N LYS D 200 -19.61 -63.06 -24.20
CA LYS D 200 -19.26 -62.01 -25.17
C LYS D 200 -20.00 -60.72 -24.84
N MET D 201 -21.28 -60.86 -24.50
CA MET D 201 -22.10 -59.72 -24.09
C MET D 201 -21.46 -59.01 -22.90
N SER D 202 -21.15 -59.81 -21.88
CA SER D 202 -20.48 -59.31 -20.69
C SER D 202 -19.42 -58.26 -21.07
N LYS D 203 -18.54 -58.64 -21.97
CA LYS D 203 -17.41 -57.79 -22.34
C LYS D 203 -17.83 -56.58 -23.18
N ARG D 204 -18.68 -56.80 -24.17
CA ARG D 204 -19.09 -55.70 -25.02
C ARG D 204 -19.61 -54.55 -24.16
N TYR D 205 -20.42 -54.88 -23.17
CA TYR D 205 -21.08 -53.87 -22.35
C TYR D 205 -20.16 -53.30 -21.27
N ALA D 206 -19.16 -54.08 -20.88
CA ALA D 206 -18.11 -53.58 -20.02
C ALA D 206 -17.30 -52.57 -20.83
N ASP D 207 -16.97 -52.94 -22.06
CA ASP D 207 -16.17 -52.09 -22.92
C ASP D 207 -16.86 -50.77 -23.16
N CYS D 208 -18.19 -50.82 -23.05
CA CYS D 208 -19.01 -49.65 -23.28
C CYS D 208 -18.87 -48.70 -22.09
N VAL D 209 -18.95 -49.25 -20.89
CA VAL D 209 -18.74 -48.48 -19.70
C VAL D 209 -17.37 -47.80 -19.73
N GLU D 210 -16.34 -48.57 -20.06
CA GLU D 210 -14.99 -48.03 -20.13
C GLU D 210 -14.87 -46.94 -21.19
N ALA D 211 -15.55 -47.12 -22.32
CA ALA D 211 -15.50 -46.14 -23.38
C ALA D 211 -16.15 -44.83 -22.92
N TYR D 212 -17.22 -44.96 -22.13
CA TYR D 212 -17.92 -43.80 -21.63
C TYR D 212 -17.00 -42.99 -20.72
N ILE D 213 -16.32 -43.70 -19.82
CA ILE D 213 -15.35 -43.09 -18.91
C ILE D 213 -14.25 -42.39 -19.71
N GLY D 214 -13.80 -43.04 -20.79
CA GLY D 214 -12.85 -42.42 -21.70
C GLY D 214 -13.32 -41.06 -22.22
N ALA D 215 -14.59 -40.98 -22.62
CA ALA D 215 -15.14 -39.73 -23.15
C ALA D 215 -15.16 -38.66 -22.06
N LEU D 216 -15.54 -39.05 -20.84
CA LEU D 216 -15.50 -38.15 -19.67
C LEU D 216 -14.11 -37.55 -19.45
N VAL D 217 -13.10 -38.40 -19.41
CA VAL D 217 -11.72 -37.98 -19.29
C VAL D 217 -11.33 -37.02 -20.42
N ILE D 218 -11.66 -37.37 -21.66
CA ILE D 218 -11.32 -36.47 -22.77
C ILE D 218 -11.90 -35.09 -22.50
N ASP D 219 -13.14 -35.05 -22.03
CA ASP D 219 -13.83 -33.78 -21.79
C ASP D 219 -13.28 -32.99 -20.63
N ARG D 220 -12.79 -33.68 -19.59
CA ARG D 220 -12.35 -32.99 -18.38
C ARG D 220 -10.86 -32.74 -18.29
N PHE D 221 -10.06 -33.45 -19.07
CA PHE D 221 -8.62 -33.32 -18.94
C PHE D 221 -8.15 -31.92 -19.28
N GLY D 222 -7.62 -31.22 -18.29
CA GLY D 222 -7.19 -29.87 -18.51
C GLY D 222 -5.76 -29.65 -18.07
N THR D 223 -5.60 -29.24 -16.83
CA THR D 223 -4.38 -28.60 -16.42
C THR D 223 -3.87 -29.25 -15.11
N GLU D 224 -4.77 -29.92 -14.41
CA GLU D 224 -4.43 -30.44 -13.09
C GLU D 224 -3.18 -31.36 -13.07
N PHE D 225 -3.03 -32.20 -14.10
CA PHE D 225 -1.89 -33.11 -14.21
C PHE D 225 -1.05 -32.74 -15.41
N LEU D 226 -1.24 -31.54 -15.92
CA LEU D 226 -0.53 -31.11 -17.11
C LEU D 226 0.99 -31.23 -16.95
N ASP D 227 1.52 -30.80 -15.81
CA ASP D 227 2.98 -30.81 -15.68
C ASP D 227 3.53 -32.23 -15.66
N ILE D 228 2.76 -33.17 -15.10
CA ILE D 228 3.17 -34.57 -15.11
C ILE D 228 3.09 -35.13 -16.53
N LYS D 229 1.98 -34.85 -17.20
CA LYS D 229 1.76 -35.30 -18.57
C LYS D 229 2.88 -34.83 -19.47
N GLU D 230 3.28 -33.57 -19.34
CA GLU D 230 4.28 -33.01 -20.26
C GLU D 230 5.65 -33.62 -19.98
N TRP D 231 5.90 -33.91 -18.72
CA TRP D 231 7.12 -34.56 -18.30
C TRP D 231 7.22 -35.99 -18.88
N LEU D 232 6.17 -36.78 -18.70
CA LEU D 232 6.12 -38.13 -19.24
C LEU D 232 6.31 -38.09 -20.76
N GLU D 233 5.69 -37.11 -21.41
CA GLU D 233 5.78 -36.99 -22.85
C GLU D 233 7.20 -36.63 -23.28
N GLU D 234 7.89 -35.81 -22.49
CA GLU D 234 9.27 -35.51 -22.79
C GLU D 234 10.15 -36.75 -22.64
N LEU D 235 10.02 -37.44 -21.52
CA LEU D 235 10.79 -38.64 -21.26
C LEU D 235 10.51 -39.72 -22.32
N SER D 236 9.34 -39.64 -22.92
CA SER D 236 8.91 -40.62 -23.92
C SER D 236 9.16 -40.16 -25.36
N GLU D 237 9.86 -39.06 -25.52
CA GLU D 237 10.02 -38.46 -26.85
C GLU D 237 10.55 -39.48 -27.87
N LYS D 238 11.62 -40.18 -27.50
CA LYS D 238 12.21 -41.19 -28.39
C LYS D 238 11.21 -42.24 -28.83
N LYS D 239 10.54 -42.90 -27.88
CA LYS D 239 9.54 -43.91 -28.21
C LYS D 239 8.34 -43.35 -29.01
N LEU D 240 8.01 -42.08 -28.79
CA LEU D 240 6.90 -41.45 -29.51
C LEU D 240 7.38 -41.00 -30.88
N ALA D 241 8.66 -41.19 -31.15
CA ALA D 241 9.21 -40.93 -32.47
C ALA D 241 9.07 -42.20 -33.30
N LYS D 242 9.13 -43.35 -32.64
CA LYS D 242 9.02 -44.66 -33.29
C LYS D 242 7.66 -44.89 -33.96
N SER D 243 6.80 -43.88 -33.93
CA SER D 243 5.50 -43.99 -34.58
C SER D 243 5.65 -43.94 -36.10
N SER D 244 5.76 -45.12 -36.70
CA SER D 244 5.89 -45.24 -38.15
C SER D 244 5.03 -46.37 -38.68
#